data_7UFE
#
_entry.id   7UFE
#
_cell.length_a   153.617
_cell.length_b   96.749
_cell.length_c   93.869
_cell.angle_alpha   90.00
_cell.angle_beta   124.21
_cell.angle_gamma   90.00
#
_symmetry.space_group_name_H-M   'C 1 2 1'
#
loop_
_entity.id
_entity.type
_entity.pdbx_description
1 polymer 'Cytochrome P450 3A4'
2 non-polymer 'PROTOPORPHYRIN IX CONTAINING FE'
3 non-polymer GLYCEROL
4 non-polymer N-[(2S)-1-{[(2R)-1-oxo-3-phenyl-1-{[3-(pyridin-3-yl)propyl]amino}propan-2-yl]sulfanyl}-3-phenylpropan-2-yl]pyridine-3-carboxamide
5 water water
#
_entity_poly.entity_id   1
_entity_poly.type   'polypeptide(L)'
_entity_poly.pdbx_seq_one_letter_code
;MAYLYGTHSHGLFKKLGIPGPTPLPFLGNILSYHKGFCMFDMECHKKYGKVWGFYDGQQPVLAITDPDMIKTVLVKECYS
VFTNRRPFGPVGFMKSAISIAEDEEWKRLRSLLSPTFTSGKLKEMVPIIAQYGDVLVRNLRREAETGKPVTLKDVFGAYS
MDVITSTSFGVNIDSLNNPQDPFVENTKKLLRFDFLDPFFLSITVFPFLIPILEVLNICVFPREVTNFLRKSVKRMKESR
LEDTQKHRVDFLQLMIDSQNSKETESHKALSDLELVAQSIIFIFAGYETTSSVLSFIMYELATHPDVQQKLQEEIDAVLP
NKAPPTYDTVLQMEYLDMVVNETLRLFPIAMRLERVCKKDVEINGMFIPKGVVVMIPSYALHRDPKYWTEPEKFLPERFS
AKNADNIDPYIYTPFGSGPRNCIGMRFALMNMKLALIRVLQNFSFKPCKETQIPLKLSLGGLLQPEKPVVLKVESRDGTV
SGAHHHH
;
_entity_poly.pdbx_strand_id   A,B
#
loop_
_chem_comp.id
_chem_comp.type
_chem_comp.name
_chem_comp.formula
GOL non-polymer GLYCEROL 'C3 H8 O3'
HEM non-polymer 'PROTOPORPHYRIN IX CONTAINING FE' 'C34 H32 Fe N4 O4'
NXR non-polymer N-[(2S)-1-{[(2R)-1-oxo-3-phenyl-1-{[3-(pyridin-3-yl)propyl]amino}propan-2-yl]sulfanyl}-3-phenylpropan-2-yl]pyridine-3-carboxamide 'C32 H34 N4 O2 S'
#
# COMPACT_ATOMS: atom_id res chain seq x y z
N GLY A 6 -30.22 -28.50 23.53
CA GLY A 6 -29.53 -28.08 24.74
C GLY A 6 -28.03 -28.10 24.61
N THR A 7 -27.46 -29.27 24.31
CA THR A 7 -26.03 -29.42 24.18
C THR A 7 -25.65 -29.43 22.70
N HIS A 8 -25.75 -30.60 22.07
CA HIS A 8 -25.45 -30.79 20.68
C HIS A 8 -23.93 -30.58 20.37
N SER A 9 -23.41 -29.40 20.71
CA SER A 9 -22.05 -29.04 20.52
C SER A 9 -21.31 -28.82 21.85
N HIS A 10 -22.03 -28.87 22.97
CA HIS A 10 -21.50 -28.45 24.26
C HIS A 10 -20.51 -29.48 24.80
N GLY A 11 -20.18 -30.47 23.99
CA GLY A 11 -19.24 -31.49 24.36
C GLY A 11 -17.98 -31.41 23.53
N LEU A 12 -17.92 -30.41 22.64
CA LEU A 12 -16.78 -30.30 21.74
C LEU A 12 -15.48 -30.03 22.49
N PHE A 13 -15.48 -29.01 23.35
CA PHE A 13 -14.26 -28.68 24.09
C PHE A 13 -13.95 -29.73 25.15
N LYS A 14 -14.97 -30.45 25.63
CA LYS A 14 -14.70 -31.61 26.48
C LYS A 14 -14.02 -32.72 25.69
N LYS A 15 -14.40 -32.87 24.42
CA LYS A 15 -13.78 -33.89 23.57
C LYS A 15 -12.32 -33.53 23.26
N LEU A 16 -12.07 -32.26 22.92
CA LEU A 16 -10.73 -31.83 22.54
C LEU A 16 -9.81 -31.62 23.74
N GLY A 17 -10.28 -31.86 24.96
CA GLY A 17 -9.46 -31.63 26.13
C GLY A 17 -9.17 -30.18 26.43
N ILE A 18 -9.90 -29.25 25.82
CA ILE A 18 -9.69 -27.82 26.02
C ILE A 18 -10.54 -27.35 27.18
N PRO A 19 -9.96 -26.69 28.18
CA PRO A 19 -10.75 -26.26 29.35
C PRO A 19 -11.69 -25.12 28.99
N GLY A 20 -12.55 -24.80 29.95
CA GLY A 20 -13.52 -23.75 29.79
C GLY A 20 -14.67 -23.87 30.78
N PRO A 21 -15.43 -22.78 30.95
CA PRO A 21 -16.57 -22.83 31.87
C PRO A 21 -17.67 -23.74 31.35
N THR A 22 -18.33 -24.41 32.29
CA THR A 22 -19.38 -25.36 31.93
C THR A 22 -20.57 -24.63 31.31
N PRO A 23 -21.01 -25.02 30.12
CA PRO A 23 -22.12 -24.32 29.49
C PRO A 23 -23.47 -24.84 29.95
N LEU A 24 -24.42 -23.91 30.04
CA LEU A 24 -25.80 -24.26 30.31
C LEU A 24 -26.51 -24.64 29.01
N PRO A 25 -27.54 -25.49 29.09
CA PRO A 25 -28.29 -25.84 27.87
C PRO A 25 -28.94 -24.64 27.20
N PHE A 26 -28.80 -24.58 25.87
CA PHE A 26 -29.27 -23.47 25.03
C PHE A 26 -28.43 -22.22 25.27
N LEU A 27 -28.36 -21.74 26.51
CA LEU A 27 -27.66 -20.50 26.79
C LEU A 27 -26.15 -20.60 26.54
N GLY A 28 -25.55 -21.73 26.91
CA GLY A 28 -24.12 -21.86 26.82
C GLY A 28 -23.43 -21.14 27.96
N ASN A 29 -22.67 -20.10 27.64
CA ASN A 29 -21.97 -19.31 28.65
C ASN A 29 -22.35 -17.83 28.60
N ILE A 30 -23.43 -17.47 27.90
CA ILE A 30 -23.80 -16.06 27.77
C ILE A 30 -24.22 -15.46 29.09
N LEU A 31 -24.57 -16.30 30.09
CA LEU A 31 -24.89 -15.77 31.41
C LEU A 31 -23.68 -15.10 32.04
N SER A 32 -22.48 -15.53 31.69
CA SER A 32 -21.25 -14.94 32.21
C SER A 32 -20.93 -13.60 31.58
N TYR A 33 -21.73 -13.14 30.61
CA TYR A 33 -21.54 -11.84 29.98
C TYR A 33 -22.15 -10.69 30.78
N HIS A 34 -22.63 -10.95 32.01
CA HIS A 34 -23.20 -9.89 32.82
C HIS A 34 -22.17 -8.84 33.19
N LYS A 35 -20.88 -9.18 33.18
CA LYS A 35 -19.81 -8.24 33.43
C LYS A 35 -19.21 -7.69 32.14
N GLY A 36 -19.65 -8.17 30.98
CA GLY A 36 -19.14 -7.71 29.71
C GLY A 36 -18.16 -8.70 29.10
N PHE A 37 -17.77 -8.40 27.85
CA PHE A 37 -16.74 -9.19 27.18
C PHE A 37 -15.44 -9.18 27.97
N CYS A 38 -15.02 -7.98 28.41
CA CYS A 38 -13.68 -7.80 28.94
C CYS A 38 -13.48 -8.57 30.24
N MET A 39 -14.35 -8.34 31.23
CA MET A 39 -14.19 -9.01 32.52
C MET A 39 -14.36 -10.51 32.39
N PHE A 40 -15.16 -10.97 31.42
CA PHE A 40 -15.29 -12.41 31.19
C PHE A 40 -14.02 -12.98 30.59
N ASP A 41 -13.42 -12.28 29.62
CA ASP A 41 -12.17 -12.74 29.03
C ASP A 41 -11.02 -12.68 30.03
N MET A 42 -11.03 -11.70 30.94
CA MET A 42 -9.97 -11.61 31.94
C MET A 42 -10.02 -12.77 32.92
N GLU A 43 -11.21 -13.09 33.43
CA GLU A 43 -11.33 -14.18 34.40
C GLU A 43 -11.03 -15.52 33.74
N CYS A 44 -11.40 -15.70 32.47
CA CYS A 44 -11.13 -16.95 31.78
C CYS A 44 -9.63 -17.12 31.54
N HIS A 45 -8.93 -16.04 31.22
CA HIS A 45 -7.49 -16.14 30.98
C HIS A 45 -6.74 -16.52 32.26
N LYS A 46 -7.23 -16.04 33.41
CA LYS A 46 -6.59 -16.37 34.69
C LYS A 46 -6.93 -17.80 35.11
N LYS A 47 -8.20 -18.19 34.97
CA LYS A 47 -8.62 -19.50 35.45
C LYS A 47 -8.04 -20.63 34.60
N TYR A 48 -8.13 -20.50 33.27
CA TYR A 48 -7.90 -21.62 32.38
C TYR A 48 -6.58 -21.58 31.63
N GLY A 49 -5.90 -20.44 31.58
CA GLY A 49 -4.54 -20.38 31.08
C GLY A 49 -4.47 -19.87 29.65
N LYS A 50 -3.68 -20.55 28.82
CA LYS A 50 -3.34 -20.04 27.50
C LYS A 50 -4.45 -20.28 26.48
N VAL A 51 -5.25 -21.32 26.64
CA VAL A 51 -6.27 -21.69 25.68
C VAL A 51 -7.51 -22.17 26.43
N TRP A 52 -8.66 -21.59 26.11
CA TRP A 52 -9.92 -22.02 26.69
C TRP A 52 -11.02 -21.89 25.65
N GLY A 53 -12.14 -22.54 25.91
CA GLY A 53 -13.26 -22.51 25.00
C GLY A 53 -14.57 -22.35 25.75
N PHE A 54 -15.50 -21.65 25.12
CA PHE A 54 -16.84 -21.44 25.67
C PHE A 54 -17.84 -21.49 24.53
N TYR A 55 -19.11 -21.28 24.86
CA TYR A 55 -20.20 -21.43 23.90
C TYR A 55 -21.10 -20.21 23.96
N ASP A 56 -21.13 -19.43 22.88
CA ASP A 56 -22.11 -18.37 22.70
C ASP A 56 -23.39 -19.01 22.19
N GLY A 57 -24.17 -19.54 23.13
CA GLY A 57 -25.32 -20.36 22.78
C GLY A 57 -24.90 -21.76 22.40
N GLN A 58 -25.05 -22.10 21.12
CA GLN A 58 -24.55 -23.36 20.58
C GLN A 58 -23.27 -23.18 19.79
N GLN A 59 -22.72 -21.96 19.74
CA GLN A 59 -21.56 -21.66 18.91
C GLN A 59 -20.29 -21.84 19.75
N PRO A 60 -19.47 -22.85 19.46
CA PRO A 60 -18.20 -22.99 20.19
C PRO A 60 -17.22 -21.90 19.79
N VAL A 61 -16.57 -21.31 20.78
CA VAL A 61 -15.61 -20.23 20.57
C VAL A 61 -14.30 -20.61 21.24
N LEU A 62 -13.25 -20.75 20.45
CA LEU A 62 -11.92 -21.10 20.95
C LEU A 62 -11.11 -19.81 21.11
N ALA A 63 -10.69 -19.54 22.35
CA ALA A 63 -9.88 -18.37 22.65
C ALA A 63 -8.41 -18.78 22.73
N ILE A 64 -7.56 -18.06 21.99
CA ILE A 64 -6.14 -18.37 21.92
C ILE A 64 -5.35 -17.16 22.38
N THR A 65 -4.21 -17.42 23.05
CA THR A 65 -3.36 -16.36 23.55
C THR A 65 -1.91 -16.49 23.09
N ASP A 66 -1.56 -17.55 22.36
CA ASP A 66 -0.17 -17.76 21.95
C ASP A 66 0.15 -16.88 20.75
N PRO A 67 1.23 -16.10 20.82
CA PRO A 67 1.55 -15.21 19.69
C PRO A 67 1.78 -15.94 18.38
N ASP A 68 2.45 -17.09 18.42
CA ASP A 68 2.66 -17.87 17.20
C ASP A 68 1.33 -18.38 16.65
N MET A 69 0.46 -18.88 17.53
CA MET A 69 -0.85 -19.35 17.08
C MET A 69 -1.72 -18.20 16.62
N ILE A 70 -1.59 -17.03 17.24
CA ILE A 70 -2.33 -15.85 16.78
C ILE A 70 -1.84 -15.42 15.41
N LYS A 71 -0.52 -15.45 15.19
CA LYS A 71 0.02 -15.08 13.88
C LYS A 71 -0.47 -16.03 12.79
N THR A 72 -0.57 -17.32 13.10
CA THR A 72 -1.05 -18.29 12.12
C THR A 72 -2.50 -18.01 11.75
N VAL A 73 -3.32 -17.60 12.72
CA VAL A 73 -4.74 -17.34 12.45
C VAL A 73 -4.90 -16.03 11.68
N LEU A 74 -4.23 -14.97 12.14
CA LEU A 74 -4.47 -13.66 11.57
C LEU A 74 -3.71 -13.45 10.26
N VAL A 75 -2.49 -13.95 10.17
CA VAL A 75 -1.59 -13.64 9.05
C VAL A 75 -1.43 -14.84 8.12
N LYS A 76 -0.88 -15.95 8.62
CA LYS A 76 -0.45 -17.03 7.76
C LYS A 76 -1.63 -17.70 7.05
N GLU A 77 -2.63 -18.14 7.81
CA GLU A 77 -3.76 -18.88 7.26
C GLU A 77 -5.00 -18.01 7.10
N CYS A 78 -4.82 -16.75 6.72
CA CYS A 78 -5.96 -15.85 6.56
C CYS A 78 -6.76 -16.20 5.30
N TYR A 79 -6.09 -16.25 4.15
CA TYR A 79 -6.80 -16.45 2.89
C TYR A 79 -7.35 -17.87 2.77
N SER A 80 -6.74 -18.84 3.46
CA SER A 80 -7.07 -20.24 3.26
C SER A 80 -8.03 -20.81 4.30
N VAL A 81 -7.96 -20.35 5.55
CA VAL A 81 -8.74 -20.96 6.63
C VAL A 81 -9.52 -19.91 7.40
N PHE A 82 -8.81 -18.89 7.90
CA PHE A 82 -9.40 -17.89 8.77
C PHE A 82 -9.61 -16.59 7.99
N THR A 83 -10.60 -16.62 7.10
CA THR A 83 -10.88 -15.51 6.19
C THR A 83 -12.02 -14.61 6.67
N ASN A 84 -13.08 -15.18 7.22
CA ASN A 84 -14.27 -14.43 7.57
C ASN A 84 -14.40 -14.30 9.09
N ARG A 85 -15.14 -13.28 9.50
CA ARG A 85 -15.47 -13.08 10.90
C ARG A 85 -16.75 -13.86 11.23
N ARG A 86 -17.17 -13.77 12.48
CA ARG A 86 -18.39 -14.44 12.91
C ARG A 86 -19.58 -13.92 12.11
N PRO A 87 -20.43 -14.80 11.57
CA PRO A 87 -21.58 -14.34 10.78
C PRO A 87 -22.50 -13.46 11.60
N PHE A 88 -22.71 -12.24 11.11
CA PHE A 88 -23.49 -11.22 11.82
C PHE A 88 -24.77 -10.95 11.05
N GLY A 89 -25.91 -11.14 11.71
CA GLY A 89 -27.20 -10.95 11.09
C GLY A 89 -28.30 -10.69 12.09
N PRO A 90 -29.47 -10.24 11.59
CA PRO A 90 -29.70 -9.98 10.17
C PRO A 90 -29.19 -8.60 9.73
N VAL A 91 -28.46 -8.56 8.61
CA VAL A 91 -27.86 -7.32 8.13
C VAL A 91 -28.66 -6.82 6.93
N GLY A 92 -29.17 -7.74 6.13
CA GLY A 92 -29.93 -7.39 4.95
C GLY A 92 -29.05 -7.02 3.78
N PHE A 93 -29.08 -5.74 3.38
CA PHE A 93 -28.23 -5.28 2.30
C PHE A 93 -26.82 -4.91 2.77
N MET A 94 -26.64 -4.62 4.07
CA MET A 94 -25.32 -4.33 4.61
C MET A 94 -24.38 -5.52 4.57
N LYS A 95 -24.85 -6.69 4.12
CA LYS A 95 -23.97 -7.84 3.96
C LYS A 95 -22.78 -7.52 3.07
N SER A 96 -22.93 -6.57 2.14
CA SER A 96 -21.85 -6.18 1.25
C SER A 96 -20.85 -5.24 1.91
N ALA A 97 -21.03 -4.91 3.18
CA ALA A 97 -20.04 -4.10 3.88
C ALA A 97 -18.72 -4.86 3.99
N ILE A 98 -17.61 -4.13 3.84
CA ILE A 98 -16.30 -4.76 3.82
C ILE A 98 -16.02 -5.48 5.13
N SER A 99 -16.45 -4.89 6.25
CA SER A 99 -16.27 -5.54 7.55
C SER A 99 -17.19 -6.74 7.72
N ILE A 100 -18.21 -6.88 6.89
CA ILE A 100 -19.14 -8.00 6.97
C ILE A 100 -19.03 -8.97 5.80
N ALA A 101 -18.52 -8.51 4.66
CA ALA A 101 -18.42 -9.37 3.48
C ALA A 101 -17.50 -10.57 3.75
N GLU A 102 -17.63 -11.59 2.90
CA GLU A 102 -16.93 -12.84 3.09
C GLU A 102 -16.32 -13.31 1.78
N ASP A 103 -15.19 -14.01 1.90
CA ASP A 103 -14.58 -14.80 0.82
C ASP A 103 -14.21 -13.88 -0.34
N GLU A 104 -14.72 -14.11 -1.56
CA GLU A 104 -14.28 -13.31 -2.70
CA GLU A 104 -14.29 -13.31 -2.70
C GLU A 104 -14.83 -11.90 -2.66
N GLU A 105 -16.05 -11.72 -2.14
CA GLU A 105 -16.62 -10.38 -2.10
C GLU A 105 -15.80 -9.44 -1.23
N TRP A 106 -15.32 -9.92 -0.08
CA TRP A 106 -14.44 -9.11 0.75
C TRP A 106 -13.09 -8.90 0.06
N LYS A 107 -12.56 -9.94 -0.59
CA LYS A 107 -11.28 -9.82 -1.26
C LYS A 107 -11.34 -8.75 -2.35
N ARG A 108 -12.45 -8.68 -3.08
CA ARG A 108 -12.60 -7.65 -4.11
CA ARG A 108 -12.58 -7.66 -4.11
C ARG A 108 -12.75 -6.27 -3.50
N LEU A 109 -13.46 -6.18 -2.37
CA LEU A 109 -13.66 -4.88 -1.73
C LEU A 109 -12.38 -4.38 -1.07
N ARG A 110 -11.64 -5.27 -0.41
CA ARG A 110 -10.39 -4.86 0.23
C ARG A 110 -9.40 -4.30 -0.79
N SER A 111 -9.28 -4.96 -1.95
CA SER A 111 -8.41 -4.45 -3.00
C SER A 111 -8.96 -3.15 -3.58
N LEU A 112 -10.29 -3.00 -3.62
CA LEU A 112 -10.89 -1.80 -4.18
C LEU A 112 -10.72 -0.60 -3.26
N LEU A 113 -10.69 -0.82 -1.94
CA LEU A 113 -10.63 0.24 -0.96
C LEU A 113 -9.26 0.43 -0.33
N SER A 114 -8.29 -0.42 -0.68
CA SER A 114 -6.94 -0.26 -0.12
C SER A 114 -6.26 1.04 -0.55
N PRO A 115 -6.32 1.48 -1.82
CA PRO A 115 -5.68 2.75 -2.19
C PRO A 115 -6.30 3.99 -1.53
N THR A 116 -7.32 3.83 -0.69
CA THR A 116 -7.92 4.99 -0.03
C THR A 116 -6.97 5.63 0.96
N PHE A 117 -6.17 4.81 1.65
CA PHE A 117 -5.30 5.33 2.71
C PHE A 117 -3.83 5.09 2.44
N THR A 118 -3.37 5.40 1.22
CA THR A 118 -1.94 5.38 0.97
C THR A 118 -1.29 6.61 1.58
N SER A 119 0.04 6.57 1.69
CA SER A 119 0.76 7.68 2.30
C SER A 119 0.59 8.97 1.51
N GLY A 120 0.35 8.86 0.20
CA GLY A 120 0.09 10.01 -0.63
C GLY A 120 -1.31 10.58 -0.41
N LYS A 121 -2.31 9.70 -0.37
CA LYS A 121 -3.68 10.14 -0.13
C LYS A 121 -3.83 10.69 1.28
N LEU A 122 -3.15 10.10 2.25
CA LEU A 122 -3.24 10.58 3.62
C LEU A 122 -2.59 11.95 3.78
N LYS A 123 -1.45 12.16 3.12
CA LYS A 123 -0.77 13.46 3.19
C LYS A 123 -1.59 14.56 2.54
N GLU A 124 -2.43 14.21 1.55
CA GLU A 124 -3.31 15.20 0.93
C GLU A 124 -4.40 15.68 1.88
N MET A 125 -4.71 14.90 2.92
CA MET A 125 -5.79 15.23 3.84
C MET A 125 -5.38 16.18 4.95
N VAL A 126 -4.06 16.36 5.18
CA VAL A 126 -3.62 17.21 6.28
C VAL A 126 -4.09 18.65 6.12
N PRO A 127 -4.01 19.29 4.95
CA PRO A 127 -4.58 20.65 4.85
C PRO A 127 -6.09 20.70 5.07
N ILE A 128 -6.82 19.67 4.64
CA ILE A 128 -8.26 19.65 4.86
C ILE A 128 -8.56 19.52 6.35
N ILE A 129 -7.86 18.62 7.05
CA ILE A 129 -8.07 18.45 8.47
C ILE A 129 -7.66 19.70 9.25
N ALA A 130 -6.66 20.43 8.75
CA ALA A 130 -6.18 21.62 9.44
C ALA A 130 -7.27 22.68 9.56
N GLN A 131 -8.24 22.69 8.65
CA GLN A 131 -9.33 23.65 8.75
C GLN A 131 -10.21 23.35 9.96
N TYR A 132 -10.64 22.09 10.11
CA TYR A 132 -11.49 21.73 11.23
C TYR A 132 -10.75 21.72 12.56
N GLY A 133 -9.41 21.65 12.53
CA GLY A 133 -8.64 21.81 13.74
C GLY A 133 -8.73 23.21 14.32
N ASP A 134 -8.95 24.20 13.46
CA ASP A 134 -9.15 25.57 13.94
C ASP A 134 -10.55 25.77 14.50
N VAL A 135 -11.56 25.16 13.88
CA VAL A 135 -12.92 25.23 14.42
C VAL A 135 -13.01 24.46 15.73
N LEU A 136 -12.21 23.40 15.88
CA LEU A 136 -12.19 22.66 17.13
C LEU A 136 -11.66 23.50 18.28
N VAL A 137 -10.68 24.37 18.00
CA VAL A 137 -10.12 25.21 19.05
C VAL A 137 -11.09 26.31 19.45
N ARG A 138 -11.72 26.96 18.47
CA ARG A 138 -12.66 28.04 18.77
C ARG A 138 -13.88 27.51 19.51
N ASN A 139 -14.38 26.34 19.13
CA ASN A 139 -15.48 25.72 19.87
C ASN A 139 -15.04 25.32 21.27
N LEU A 140 -13.79 24.92 21.45
CA LEU A 140 -13.25 24.68 22.78
C LEU A 140 -12.93 25.96 23.53
N ARG A 141 -12.78 27.08 22.83
CA ARG A 141 -12.44 28.34 23.49
C ARG A 141 -13.65 28.95 24.18
N ARG A 142 -14.82 28.88 23.53
CA ARG A 142 -16.03 29.41 24.15
C ARG A 142 -16.34 28.69 25.46
N GLU A 143 -16.19 27.36 25.49
CA GLU A 143 -16.35 26.60 26.72
C GLU A 143 -15.15 26.72 27.66
N ALA A 144 -13.99 27.15 27.17
CA ALA A 144 -12.83 27.31 28.04
C ALA A 144 -12.93 28.57 28.89
N GLU A 145 -13.33 29.69 28.29
CA GLU A 145 -13.48 30.95 29.03
C GLU A 145 -14.48 30.83 30.18
N THR A 146 -15.23 29.75 30.26
CA THR A 146 -16.15 29.50 31.36
C THR A 146 -15.76 28.22 32.09
N GLY A 147 -15.97 28.19 33.41
CA GLY A 147 -15.67 27.00 34.18
C GLY A 147 -16.67 25.88 33.99
N LYS A 148 -17.52 26.04 32.99
CA LYS A 148 -18.50 25.02 32.65
C LYS A 148 -17.81 23.73 32.21
N PRO A 149 -18.25 22.58 32.70
CA PRO A 149 -17.68 21.30 32.25
C PRO A 149 -17.89 21.10 30.76
N VAL A 150 -17.13 20.17 30.19
CA VAL A 150 -17.13 19.91 28.75
C VAL A 150 -17.28 18.42 28.53
N THR A 151 -18.30 18.02 27.78
CA THR A 151 -18.50 16.63 27.39
C THR A 151 -17.69 16.39 26.12
N LEU A 152 -16.58 15.65 26.26
CA LEU A 152 -15.62 15.54 25.17
C LEU A 152 -16.10 14.64 24.04
N LYS A 153 -17.03 13.72 24.30
CA LYS A 153 -17.55 12.88 23.22
C LYS A 153 -18.36 13.71 22.22
N ASP A 154 -18.91 14.83 22.65
CA ASP A 154 -19.68 15.70 21.74
C ASP A 154 -18.76 16.50 20.84
N VAL A 155 -17.75 17.16 21.42
CA VAL A 155 -16.91 18.06 20.64
C VAL A 155 -15.95 17.29 19.74
N PHE A 156 -15.45 16.15 20.22
CA PHE A 156 -14.58 15.33 19.38
C PHE A 156 -15.37 14.60 18.30
N GLY A 157 -16.63 14.25 18.59
CA GLY A 157 -17.45 13.58 17.59
C GLY A 157 -17.80 14.50 16.43
N ALA A 158 -18.05 15.77 16.71
CA ALA A 158 -18.31 16.73 15.64
C ALA A 158 -17.08 16.93 14.77
N TYR A 159 -15.90 17.04 15.39
CA TYR A 159 -14.66 17.16 14.62
C TYR A 159 -14.41 15.93 13.77
N SER A 160 -14.66 14.74 14.33
CA SER A 160 -14.42 13.51 13.59
C SER A 160 -15.40 13.35 12.44
N MET A 161 -16.64 13.80 12.61
CA MET A 161 -17.63 13.70 11.55
C MET A 161 -17.27 14.60 10.37
N ASP A 162 -16.72 15.78 10.65
CA ASP A 162 -16.34 16.69 9.57
C ASP A 162 -15.15 16.15 8.79
N VAL A 163 -14.21 15.51 9.48
CA VAL A 163 -13.02 14.99 8.80
C VAL A 163 -13.40 13.81 7.91
N ILE A 164 -14.32 12.96 8.36
CA ILE A 164 -14.64 11.76 7.59
C ILE A 164 -15.54 12.09 6.40
N THR A 165 -16.34 13.14 6.47
CA THR A 165 -17.21 13.50 5.35
C THR A 165 -16.45 14.26 4.27
N SER A 166 -15.45 15.05 4.64
CA SER A 166 -14.72 15.85 3.66
C SER A 166 -13.61 15.05 3.01
N THR A 167 -12.91 14.20 3.77
CA THR A 167 -11.81 13.42 3.21
C THR A 167 -12.30 12.23 2.38
N SER A 168 -13.54 11.79 2.57
CA SER A 168 -14.07 10.65 1.83
C SER A 168 -15.06 11.05 0.74
N PHE A 169 -15.76 12.18 0.90
CA PHE A 169 -16.75 12.62 -0.06
C PHE A 169 -16.57 14.05 -0.55
N GLY A 170 -15.72 14.84 0.09
CA GLY A 170 -15.53 16.22 -0.32
C GLY A 170 -16.69 17.13 -0.02
N VAL A 171 -17.46 16.83 1.02
CA VAL A 171 -18.65 17.60 1.38
C VAL A 171 -18.50 18.09 2.80
N ASN A 172 -18.79 19.37 3.01
CA ASN A 172 -18.80 19.97 4.34
C ASN A 172 -20.25 19.99 4.84
N ILE A 173 -20.51 19.25 5.91
CA ILE A 173 -21.85 19.14 6.47
C ILE A 173 -21.99 19.96 7.75
N ASP A 174 -20.97 19.97 8.59
CA ASP A 174 -21.02 20.67 9.87
C ASP A 174 -20.25 21.97 9.73
N SER A 175 -20.97 23.06 9.46
CA SER A 175 -20.38 24.38 9.27
C SER A 175 -20.31 25.10 10.62
N LEU A 176 -19.24 24.81 11.36
CA LEU A 176 -18.97 25.33 12.70
C LEU A 176 -20.02 24.93 13.71
N ASN A 177 -20.90 23.99 13.36
CA ASN A 177 -22.03 23.57 14.17
C ASN A 177 -23.05 24.71 14.28
N ASN A 178 -24.32 24.48 13.91
CA ASN A 178 -24.96 23.18 13.62
C ASN A 178 -24.75 22.03 14.62
N PRO A 179 -24.79 22.29 15.95
CA PRO A 179 -24.58 21.18 16.90
C PRO A 179 -25.69 20.15 16.83
N GLN A 180 -26.81 20.49 16.20
CA GLN A 180 -27.89 19.58 15.87
C GLN A 180 -27.73 18.98 14.48
N ASP A 181 -26.49 18.71 14.08
CA ASP A 181 -26.24 18.15 12.75
C ASP A 181 -26.91 16.79 12.63
N PRO A 182 -27.58 16.49 11.51
CA PRO A 182 -28.28 15.21 11.39
C PRO A 182 -27.36 14.02 11.16
N PHE A 183 -26.17 14.24 10.61
CA PHE A 183 -25.24 13.13 10.41
C PHE A 183 -24.79 12.54 11.74
N VAL A 184 -24.54 13.40 12.73
CA VAL A 184 -24.12 12.92 14.04
C VAL A 184 -25.30 12.27 14.77
N GLU A 185 -26.49 12.86 14.65
CA GLU A 185 -27.67 12.32 15.33
C GLU A 185 -28.03 10.93 14.82
N ASN A 186 -27.86 10.70 13.52
CA ASN A 186 -28.21 9.40 12.94
C ASN A 186 -27.09 8.39 13.15
N THR A 187 -25.83 8.80 12.97
CA THR A 187 -24.71 7.89 13.19
C THR A 187 -24.61 7.46 14.65
N LYS A 188 -25.04 8.31 15.58
CA LYS A 188 -25.06 7.96 16.99
C LYS A 188 -25.86 6.68 17.22
N LYS A 189 -27.13 6.68 16.80
CA LYS A 189 -28.02 5.53 16.97
C LYS A 189 -27.95 4.55 15.80
N LEU A 190 -26.81 4.48 15.10
CA LEU A 190 -26.70 3.56 13.98
C LEU A 190 -26.71 2.11 14.44
N LEU A 191 -26.02 1.81 15.54
CA LEU A 191 -26.02 0.46 16.09
C LEU A 191 -25.78 0.53 17.59
N ARG A 192 -26.52 -0.29 18.34
CA ARG A 192 -26.45 -0.31 19.81
C ARG A 192 -26.52 -1.77 20.26
N PHE A 193 -25.36 -2.41 20.34
CA PHE A 193 -25.26 -3.80 20.81
C PHE A 193 -25.27 -3.77 22.34
N ASP A 194 -26.43 -4.04 22.91
CA ASP A 194 -26.62 -4.12 24.35
C ASP A 194 -27.14 -5.51 24.69
N PHE A 195 -26.37 -6.25 25.49
CA PHE A 195 -26.80 -7.58 25.94
C PHE A 195 -28.16 -7.54 26.61
N LEU A 196 -28.49 -6.43 27.27
CA LEU A 196 -29.80 -6.29 27.92
C LEU A 196 -30.94 -6.53 26.94
N ASP A 197 -30.87 -5.90 25.77
CA ASP A 197 -31.87 -6.07 24.73
C ASP A 197 -31.93 -7.54 24.33
N PRO A 198 -33.04 -8.23 24.59
CA PRO A 198 -33.12 -9.66 24.24
C PRO A 198 -32.95 -9.95 22.77
N PHE A 199 -32.99 -8.92 21.91
CA PHE A 199 -32.76 -9.09 20.48
C PHE A 199 -31.38 -9.70 20.24
N PHE A 200 -30.32 -8.92 20.48
CA PHE A 200 -28.97 -9.44 20.33
C PHE A 200 -28.70 -10.61 21.27
N LEU A 201 -29.46 -10.73 22.35
CA LEU A 201 -29.33 -11.90 23.22
C LEU A 201 -29.87 -13.14 22.54
N SER A 202 -31.08 -13.06 21.98
CA SER A 202 -31.70 -14.23 21.37
C SER A 202 -31.05 -14.58 20.03
N ILE A 203 -30.49 -13.59 19.34
CA ILE A 203 -29.78 -13.87 18.09
C ILE A 203 -28.62 -14.82 18.34
N THR A 204 -27.88 -14.60 19.43
CA THR A 204 -26.77 -15.47 19.76
C THR A 204 -27.25 -16.81 20.30
N VAL A 205 -28.29 -16.80 21.14
CA VAL A 205 -28.75 -18.05 21.75
C VAL A 205 -29.49 -18.90 20.72
N PHE A 206 -30.32 -18.29 19.88
CA PHE A 206 -31.11 -19.01 18.88
C PHE A 206 -30.85 -18.38 17.52
N PRO A 207 -29.82 -18.83 16.81
CA PRO A 207 -29.45 -18.19 15.54
C PRO A 207 -30.31 -18.61 14.35
N PHE A 208 -31.18 -19.61 14.49
CA PHE A 208 -32.03 -19.99 13.37
C PHE A 208 -33.12 -18.96 13.09
N LEU A 209 -33.26 -17.94 13.94
CA LEU A 209 -34.21 -16.87 13.70
C LEU A 209 -33.71 -15.85 12.69
N ILE A 210 -32.44 -15.93 12.28
CA ILE A 210 -31.90 -14.95 11.33
C ILE A 210 -32.60 -15.01 9.97
N PRO A 211 -32.74 -16.17 9.32
CA PRO A 211 -33.43 -16.17 8.02
C PRO A 211 -34.89 -15.77 8.11
N ILE A 212 -35.50 -15.84 9.28
CA ILE A 212 -36.86 -15.34 9.45
C ILE A 212 -36.88 -13.83 9.32
N LEU A 213 -36.04 -13.14 10.10
CA LEU A 213 -36.04 -11.69 10.10
C LEU A 213 -35.53 -11.12 8.79
N GLU A 214 -34.64 -11.85 8.09
CA GLU A 214 -34.13 -11.36 6.81
C GLU A 214 -35.24 -11.27 5.78
N VAL A 215 -36.04 -12.33 5.65
CA VAL A 215 -37.15 -12.31 4.70
C VAL A 215 -38.27 -11.39 5.18
N LEU A 216 -38.30 -11.07 6.47
CA LEU A 216 -39.25 -10.10 7.02
C LEU A 216 -38.81 -8.66 6.80
N ASN A 217 -37.73 -8.44 6.05
CA ASN A 217 -37.16 -7.11 5.83
C ASN A 217 -36.76 -6.44 7.15
N ILE A 218 -36.36 -7.26 8.13
CA ILE A 218 -35.92 -6.77 9.43
C ILE A 218 -34.40 -6.68 9.42
N CYS A 219 -33.88 -5.57 9.95
CA CYS A 219 -32.45 -5.29 9.91
C CYS A 219 -32.00 -4.72 11.25
N VAL A 220 -30.81 -5.12 11.69
CA VAL A 220 -30.27 -4.61 12.95
C VAL A 220 -29.97 -3.13 12.88
N PHE A 221 -29.78 -2.58 11.69
CA PHE A 221 -29.62 -1.14 11.52
C PHE A 221 -30.99 -0.50 11.35
N PRO A 222 -31.33 0.51 12.15
CA PRO A 222 -32.67 1.09 12.08
C PRO A 222 -32.97 1.68 10.71
N ARG A 223 -34.26 1.67 10.35
CA ARG A 223 -34.66 2.09 9.01
C ARG A 223 -34.46 3.59 8.81
N GLU A 224 -34.86 4.40 9.80
CA GLU A 224 -34.75 5.84 9.65
C GLU A 224 -33.29 6.29 9.58
N VAL A 225 -32.39 5.56 10.24
CA VAL A 225 -30.97 5.91 10.19
C VAL A 225 -30.37 5.49 8.86
N THR A 226 -30.67 4.27 8.40
CA THR A 226 -30.19 3.83 7.09
C THR A 226 -30.74 4.70 5.98
N ASN A 227 -32.03 5.01 6.03
CA ASN A 227 -32.63 5.85 4.99
C ASN A 227 -31.93 7.20 4.90
N PHE A 228 -31.65 7.82 6.05
CA PHE A 228 -30.99 9.13 6.04
C PHE A 228 -29.61 9.04 5.39
N LEU A 229 -28.85 7.97 5.69
CA LEU A 229 -27.55 7.79 5.06
C LEU A 229 -27.67 7.25 3.65
N ARG A 230 -28.70 6.46 3.37
CA ARG A 230 -28.88 5.90 2.03
C ARG A 230 -29.19 6.98 1.01
N LYS A 231 -30.01 7.95 1.38
CA LYS A 231 -30.34 9.04 0.48
C LYS A 231 -29.34 10.19 0.53
N SER A 232 -28.54 10.27 1.61
CA SER A 232 -27.50 11.29 1.66
C SER A 232 -26.37 10.98 0.67
N VAL A 233 -25.98 9.72 0.58
CA VAL A 233 -24.94 9.33 -0.38
C VAL A 233 -25.44 9.56 -1.81
N LYS A 234 -26.71 9.25 -2.06
CA LYS A 234 -27.31 9.55 -3.36
C LYS A 234 -27.31 11.06 -3.61
N ARG A 235 -27.56 11.85 -2.57
CA ARG A 235 -27.40 13.29 -2.67
C ARG A 235 -25.93 13.67 -2.77
N MET A 236 -25.05 12.92 -2.13
CA MET A 236 -23.62 13.20 -2.12
C MET A 236 -22.96 12.94 -3.47
N LYS A 237 -23.69 12.41 -4.46
CA LYS A 237 -23.16 12.23 -5.80
C LYS A 237 -23.43 13.52 -6.58
N GLU A 238 -22.38 14.33 -6.74
CA GLU A 238 -22.47 15.63 -7.42
C GLU A 238 -21.41 15.64 -8.53
N SER A 239 -21.68 14.93 -9.61
CA SER A 239 -20.81 14.89 -10.78
C SER A 239 -21.69 14.90 -12.03
N ARG A 240 -21.36 15.74 -13.02
CA ARG A 240 -20.15 16.56 -13.03
C ARG A 240 -20.18 17.74 -12.05
N LEU A 241 -19.01 18.28 -11.75
CA LEU A 241 -18.87 19.36 -10.78
C LEU A 241 -17.90 20.41 -11.28
N HIS A 247 -12.96 15.68 -9.77
CA HIS A 247 -13.04 15.78 -8.31
C HIS A 247 -11.64 15.88 -7.70
N ARG A 248 -11.29 14.88 -6.89
CA ARG A 248 -10.00 14.88 -6.22
C ARG A 248 -9.50 13.48 -5.88
N VAL A 249 -10.20 12.43 -6.33
CA VAL A 249 -9.81 11.03 -6.13
C VAL A 249 -9.77 10.55 -4.67
N ASP A 250 -10.93 10.54 -4.03
CA ASP A 250 -11.02 10.10 -2.63
C ASP A 250 -11.74 8.75 -2.49
N PHE A 251 -12.29 8.51 -1.30
CA PHE A 251 -13.01 7.26 -1.05
C PHE A 251 -14.21 7.13 -1.95
N LEU A 252 -14.96 8.22 -2.13
CA LEU A 252 -16.13 8.17 -3.01
C LEU A 252 -15.72 8.03 -4.47
N GLN A 253 -14.62 8.69 -4.86
CA GLN A 253 -14.21 8.67 -6.26
C GLN A 253 -13.67 7.31 -6.67
N LEU A 254 -12.95 6.63 -5.76
CA LEU A 254 -12.44 5.30 -6.09
C LEU A 254 -13.58 4.33 -6.41
N MET A 255 -14.73 4.50 -5.76
CA MET A 255 -15.87 3.63 -6.01
C MET A 255 -16.67 4.07 -7.23
N ILE A 256 -16.71 5.38 -7.50
CA ILE A 256 -17.39 5.86 -8.70
C ILE A 256 -16.63 5.45 -9.95
N ASP A 257 -15.30 5.58 -9.92
CA ASP A 257 -14.50 5.25 -11.10
C ASP A 257 -14.57 3.77 -11.43
N SER A 258 -14.48 2.91 -10.41
CA SER A 258 -14.64 1.48 -10.64
C SER A 258 -16.07 1.10 -10.98
N GLN A 259 -17.04 1.96 -10.64
CA GLN A 259 -18.43 1.70 -10.98
C GLN A 259 -18.71 1.96 -12.45
N ASN A 260 -17.98 2.89 -13.06
CA ASN A 260 -18.16 3.21 -14.48
C ASN A 260 -17.09 2.52 -15.33
N SER A 261 -17.04 1.20 -15.17
CA SER A 261 -16.07 0.39 -15.91
C SER A 261 -16.65 -0.96 -16.30
N LYS A 268 -17.24 -5.82 -11.66
CA LYS A 268 -18.52 -6.51 -11.65
C LYS A 268 -19.74 -5.64 -12.04
N ALA A 269 -19.95 -4.45 -11.44
CA ALA A 269 -19.12 -3.85 -10.40
C ALA A 269 -19.96 -3.39 -9.22
N LEU A 270 -19.45 -2.41 -8.48
CA LEU A 270 -20.12 -1.93 -7.29
C LEU A 270 -21.44 -1.25 -7.64
N SER A 271 -22.52 -1.71 -7.04
CA SER A 271 -23.83 -1.12 -7.26
C SER A 271 -24.05 0.06 -6.34
N ASP A 272 -25.07 0.86 -6.66
CA ASP A 272 -25.42 2.02 -5.84
C ASP A 272 -25.91 1.65 -4.46
N LEU A 273 -26.15 0.36 -4.19
CA LEU A 273 -26.49 -0.12 -2.86
C LEU A 273 -25.28 -0.62 -2.09
N GLU A 274 -24.30 -1.21 -2.78
CA GLU A 274 -23.05 -1.59 -2.12
C GLU A 274 -22.18 -0.37 -1.86
N LEU A 275 -22.20 0.61 -2.76
CA LEU A 275 -21.46 1.85 -2.54
C LEU A 275 -21.96 2.58 -1.31
N VAL A 276 -23.24 2.45 -0.98
CA VAL A 276 -23.77 3.05 0.24
C VAL A 276 -23.33 2.24 1.46
N ALA A 277 -23.27 0.91 1.31
CA ALA A 277 -22.90 0.06 2.44
C ALA A 277 -21.49 0.36 2.93
N GLN A 278 -20.55 0.60 2.02
CA GLN A 278 -19.19 0.93 2.43
C GLN A 278 -19.12 2.31 3.06
N SER A 279 -19.95 3.25 2.58
CA SER A 279 -19.94 4.60 3.14
C SER A 279 -20.40 4.59 4.60
N ILE A 280 -21.41 3.78 4.91
CA ILE A 280 -21.90 3.70 6.29
C ILE A 280 -20.81 3.17 7.22
N ILE A 281 -20.02 2.22 6.75
CA ILE A 281 -18.93 1.68 7.57
C ILE A 281 -17.87 2.74 7.80
N PHE A 282 -17.50 3.48 6.75
CA PHE A 282 -16.46 4.50 6.89
C PHE A 282 -16.95 5.69 7.73
N ILE A 283 -18.23 6.04 7.61
CA ILE A 283 -18.77 7.16 8.37
C ILE A 283 -18.80 6.83 9.87
N PHE A 284 -19.31 5.64 10.20
CA PHE A 284 -19.40 5.24 11.61
C PHE A 284 -18.01 5.08 12.22
N ALA A 285 -17.11 4.39 11.51
CA ALA A 285 -15.77 4.17 12.06
C ALA A 285 -15.02 5.48 12.23
N GLY A 286 -15.23 6.43 11.33
CA GLY A 286 -14.55 7.71 11.45
C GLY A 286 -15.11 8.59 12.55
N TYR A 287 -16.40 8.46 12.84
CA TYR A 287 -17.05 9.23 13.89
C TYR A 287 -16.90 8.59 15.27
N GLU A 288 -17.34 7.34 15.40
CA GLU A 288 -17.43 6.72 16.73
C GLU A 288 -16.05 6.33 17.26
N THR A 289 -15.25 5.62 16.45
CA THR A 289 -13.97 5.12 16.93
C THR A 289 -13.00 6.25 17.23
N THR A 290 -12.92 7.24 16.34
CA THR A 290 -11.98 8.34 16.54
C THR A 290 -12.36 9.16 17.77
N SER A 291 -13.66 9.46 17.94
CA SER A 291 -14.10 10.26 19.08
C SER A 291 -13.96 9.51 20.39
N SER A 292 -14.18 8.20 20.38
CA SER A 292 -14.09 7.43 21.62
C SER A 292 -12.66 7.35 22.11
N VAL A 293 -11.71 7.07 21.21
CA VAL A 293 -10.31 6.96 21.63
C VAL A 293 -9.77 8.31 22.05
N LEU A 294 -10.16 9.38 21.36
CA LEU A 294 -9.74 10.73 21.75
C LEU A 294 -10.22 11.05 23.16
N SER A 295 -11.44 10.65 23.51
CA SER A 295 -11.95 10.87 24.85
C SER A 295 -11.17 10.05 25.86
N PHE A 296 -10.78 8.82 25.49
CA PHE A 296 -9.96 8.01 26.38
C PHE A 296 -8.57 8.60 26.57
N ILE A 297 -8.00 9.18 25.50
CA ILE A 297 -6.68 9.78 25.61
C ILE A 297 -6.72 11.00 26.53
N MET A 298 -7.73 11.86 26.38
CA MET A 298 -7.79 13.07 27.19
C MET A 298 -8.05 12.75 28.65
N TYR A 299 -8.76 11.66 28.95
CA TYR A 299 -8.96 11.27 30.34
C TYR A 299 -7.64 10.91 31.00
N GLU A 300 -6.77 10.18 30.28
CA GLU A 300 -5.48 9.81 30.85
C GLU A 300 -4.54 11.00 30.96
N LEU A 301 -4.65 11.96 30.03
CA LEU A 301 -3.81 13.16 30.13
C LEU A 301 -4.24 14.05 31.28
N ALA A 302 -5.53 14.06 31.63
CA ALA A 302 -5.98 14.87 32.76
C ALA A 302 -5.66 14.19 34.09
N THR A 303 -5.82 12.86 34.16
CA THR A 303 -5.50 12.13 35.36
C THR A 303 -4.00 11.91 35.57
N HIS A 304 -3.19 12.23 34.56
CA HIS A 304 -1.73 12.15 34.67
C HIS A 304 -1.15 13.47 34.17
N PRO A 305 -1.12 14.49 35.02
CA PRO A 305 -0.61 15.80 34.57
C PRO A 305 0.86 15.77 34.17
N ASP A 306 1.64 14.80 34.65
CA ASP A 306 3.03 14.71 34.25
C ASP A 306 3.17 14.29 32.78
N VAL A 307 2.27 13.42 32.32
CA VAL A 307 2.31 12.99 30.92
C VAL A 307 1.80 14.10 30.01
N GLN A 308 0.78 14.83 30.44
CA GLN A 308 0.22 15.89 29.60
C GLN A 308 1.22 17.02 29.40
N GLN A 309 1.96 17.37 30.45
CA GLN A 309 2.95 18.44 30.33
C GLN A 309 4.10 18.03 29.42
N LYS A 310 4.64 16.82 29.62
CA LYS A 310 5.72 16.34 28.77
C LYS A 310 5.29 16.23 27.31
N LEU A 311 4.01 15.90 27.07
CA LEU A 311 3.52 15.87 25.71
C LEU A 311 3.40 17.27 25.12
N GLN A 312 2.93 18.24 25.93
CA GLN A 312 2.86 19.61 25.45
C GLN A 312 4.24 20.21 25.23
N GLU A 313 5.25 19.76 25.99
CA GLU A 313 6.60 20.26 25.78
C GLU A 313 7.18 19.75 24.47
N GLU A 314 6.86 18.52 24.09
CA GLU A 314 7.35 17.98 22.83
C GLU A 314 6.65 18.62 21.64
N ILE A 315 5.34 18.88 21.76
CA ILE A 315 4.60 19.51 20.67
C ILE A 315 5.15 20.90 20.39
N ASP A 316 5.48 21.65 21.44
CA ASP A 316 6.04 22.98 21.26
C ASP A 316 7.46 22.92 20.71
N ALA A 317 8.19 21.84 21.00
CA ALA A 317 9.55 21.71 20.49
C ALA A 317 9.56 21.40 18.99
N VAL A 318 8.58 20.63 18.52
CA VAL A 318 8.49 20.31 17.10
C VAL A 318 7.74 21.39 16.32
N LEU A 319 6.71 21.98 16.94
CA LEU A 319 5.90 23.03 16.32
C LEU A 319 5.97 24.28 17.19
N PRO A 320 7.04 25.05 17.10
CA PRO A 320 7.13 26.27 17.90
C PRO A 320 6.20 27.36 17.38
N ASN A 321 5.80 28.25 18.30
CA ASN A 321 4.88 29.35 17.98
C ASN A 321 3.56 28.83 17.41
N LYS A 322 3.11 27.69 17.91
CA LYS A 322 1.87 27.06 17.48
C LYS A 322 1.86 26.84 15.97
N ALA A 323 2.97 26.32 15.46
CA ALA A 323 3.11 26.09 14.03
C ALA A 323 2.08 25.05 13.56
N PRO A 324 1.60 25.17 12.33
CA PRO A 324 0.61 24.22 11.82
C PRO A 324 1.20 22.83 11.70
N PRO A 325 0.47 21.81 12.14
CA PRO A 325 1.01 20.44 12.03
C PRO A 325 0.95 19.95 10.59
N THR A 326 2.02 19.27 10.18
CA THR A 326 2.14 18.71 8.84
C THR A 326 2.26 17.20 8.93
N TYR A 327 2.23 16.55 7.76
CA TYR A 327 2.29 15.10 7.73
C TYR A 327 3.61 14.57 8.29
N ASP A 328 4.70 15.33 8.14
CA ASP A 328 6.01 14.87 8.58
C ASP A 328 6.26 15.17 10.06
N THR A 329 5.79 16.33 10.55
CA THR A 329 6.00 16.67 11.96
C THR A 329 5.20 15.76 12.89
N VAL A 330 4.08 15.21 12.40
CA VAL A 330 3.29 14.30 13.23
C VAL A 330 4.05 12.99 13.45
N LEU A 331 4.60 12.43 12.37
CA LEU A 331 5.41 11.21 12.49
C LEU A 331 6.70 11.44 13.25
N GLN A 332 7.09 12.68 13.50
CA GLN A 332 8.31 12.98 14.24
C GLN A 332 8.10 12.93 15.75
N MET A 333 6.89 13.26 16.21
CA MET A 333 6.60 13.30 17.64
C MET A 333 6.56 11.88 18.19
N GLU A 334 7.56 11.52 18.98
CA GLU A 334 7.67 10.16 19.51
C GLU A 334 6.78 9.97 20.73
N TYR A 335 6.80 10.93 21.66
CA TYR A 335 6.00 10.80 22.87
C TYR A 335 4.51 10.84 22.57
N LEU A 336 4.11 11.58 21.52
CA LEU A 336 2.73 11.55 21.08
C LEU A 336 2.31 10.15 20.62
N ASP A 337 3.22 9.45 19.94
CA ASP A 337 2.94 8.09 19.52
C ASP A 337 2.89 7.14 20.72
N MET A 338 3.64 7.45 21.77
CA MET A 338 3.62 6.60 22.97
C MET A 338 2.32 6.77 23.74
N VAL A 339 1.81 8.00 23.81
CA VAL A 339 0.56 8.24 24.54
C VAL A 339 -0.61 7.60 23.81
N VAL A 340 -0.63 7.70 22.48
CA VAL A 340 -1.72 7.12 21.70
C VAL A 340 -1.67 5.60 21.79
N ASN A 341 -0.47 5.02 21.81
CA ASN A 341 -0.35 3.56 21.84
C ASN A 341 -0.72 3.00 23.21
N GLU A 342 -0.30 3.68 24.28
CA GLU A 342 -0.62 3.18 25.62
C GLU A 342 -2.11 3.27 25.91
N THR A 343 -2.77 4.32 25.41
CA THR A 343 -4.21 4.42 25.58
C THR A 343 -4.93 3.32 24.80
N LEU A 344 -4.46 3.03 23.58
CA LEU A 344 -5.04 1.94 22.81
C LEU A 344 -4.77 0.58 23.46
N ARG A 345 -3.68 0.47 24.22
CA ARG A 345 -3.44 -0.75 24.97
C ARG A 345 -4.48 -0.92 26.08
N LEU A 346 -4.69 0.12 26.87
CA LEU A 346 -5.66 0.05 27.96
C LEU A 346 -7.08 -0.06 27.44
N PHE A 347 -7.38 0.54 26.28
CA PHE A 347 -8.74 0.58 25.74
C PHE A 347 -8.74 0.14 24.28
N PRO A 348 -8.61 -1.16 24.03
CA PRO A 348 -8.82 -1.67 22.67
C PRO A 348 -10.32 -1.69 22.33
N ILE A 349 -10.76 -0.71 21.55
CA ILE A 349 -12.20 -0.52 21.33
C ILE A 349 -12.85 -1.73 20.67
N ALA A 350 -12.09 -2.54 19.94
CA ALA A 350 -12.64 -3.78 19.39
C ALA A 350 -12.79 -4.82 20.48
N MET A 351 -11.91 -4.82 21.49
CA MET A 351 -11.91 -5.79 22.57
C MET A 351 -11.49 -7.19 22.13
N ARG A 352 -12.10 -7.71 21.07
CA ARG A 352 -11.83 -9.06 20.59
C ARG A 352 -11.51 -9.04 19.10
N LEU A 353 -10.75 -10.05 18.67
CA LEU A 353 -10.52 -10.35 17.27
C LEU A 353 -11.03 -11.76 17.00
N GLU A 354 -11.80 -11.93 15.94
CA GLU A 354 -12.47 -13.20 15.68
C GLU A 354 -12.32 -13.61 14.22
N ARG A 355 -12.10 -14.91 14.00
CA ARG A 355 -12.09 -15.50 12.68
C ARG A 355 -12.85 -16.82 12.73
N VAL A 356 -13.53 -17.14 11.64
CA VAL A 356 -14.31 -18.37 11.54
C VAL A 356 -13.46 -19.43 10.83
N CYS A 357 -13.29 -20.57 11.48
CA CYS A 357 -12.53 -21.69 10.91
C CYS A 357 -13.38 -22.34 9.83
N LYS A 358 -13.06 -22.08 8.56
CA LYS A 358 -13.86 -22.56 7.45
C LYS A 358 -13.65 -24.04 7.16
N LYS A 359 -12.61 -24.66 7.69
CA LYS A 359 -12.35 -26.08 7.46
C LYS A 359 -11.44 -26.61 8.55
N ASP A 360 -11.46 -27.92 8.73
CA ASP A 360 -10.68 -28.57 9.77
C ASP A 360 -9.18 -28.33 9.56
N VAL A 361 -8.51 -27.83 10.60
CA VAL A 361 -7.08 -27.55 10.56
C VAL A 361 -6.47 -27.93 11.90
N GLU A 362 -5.14 -28.00 11.91
CA GLU A 362 -4.37 -28.29 13.12
C GLU A 362 -3.18 -27.33 13.15
N ILE A 363 -3.31 -26.24 13.88
CA ILE A 363 -2.29 -25.20 13.94
C ILE A 363 -1.52 -25.32 15.24
N ASN A 364 -0.19 -25.28 15.14
CA ASN A 364 0.71 -25.34 16.30
C ASN A 364 0.41 -26.54 17.20
N GLY A 365 -0.02 -27.64 16.60
CA GLY A 365 -0.34 -28.84 17.35
C GLY A 365 -1.65 -28.79 18.10
N MET A 366 -2.69 -28.22 17.49
CA MET A 366 -4.00 -28.15 18.12
C MET A 366 -5.07 -28.24 17.04
N PHE A 367 -5.90 -29.27 17.11
CA PHE A 367 -6.94 -29.47 16.11
C PHE A 367 -8.09 -28.49 16.34
N ILE A 368 -8.52 -27.84 15.26
CA ILE A 368 -9.66 -26.92 15.33
C ILE A 368 -10.71 -27.38 14.31
N PRO A 369 -11.89 -27.81 14.76
CA PRO A 369 -12.90 -28.27 13.81
C PRO A 369 -13.47 -27.13 12.98
N LYS A 370 -14.11 -27.52 11.88
CA LYS A 370 -14.76 -26.54 11.01
C LYS A 370 -15.94 -25.90 11.72
N GLY A 371 -16.10 -24.59 11.54
CA GLY A 371 -17.18 -23.85 12.12
C GLY A 371 -16.89 -23.19 13.45
N VAL A 372 -15.82 -23.61 14.13
CA VAL A 372 -15.47 -23.02 15.41
C VAL A 372 -14.95 -21.60 15.19
N VAL A 373 -15.32 -20.69 16.09
CA VAL A 373 -14.89 -19.30 16.02
C VAL A 373 -13.62 -19.15 16.84
N VAL A 374 -12.51 -18.87 16.18
CA VAL A 374 -11.25 -18.62 16.88
C VAL A 374 -11.21 -17.16 17.29
N MET A 375 -11.07 -16.92 18.59
CA MET A 375 -11.15 -15.58 19.15
C MET A 375 -9.84 -15.20 19.82
N ILE A 376 -9.39 -13.98 19.59
CA ILE A 376 -8.19 -13.44 20.21
C ILE A 376 -8.63 -12.37 21.21
N PRO A 377 -8.51 -12.62 22.53
CA PRO A 377 -8.97 -11.63 23.50
C PRO A 377 -8.01 -10.45 23.63
N SER A 378 -8.19 -9.43 22.79
CA SER A 378 -7.25 -8.31 22.77
C SER A 378 -7.24 -7.57 24.09
N TYR A 379 -8.40 -7.40 24.72
CA TYR A 379 -8.45 -6.69 26.00
C TYR A 379 -7.68 -7.43 27.08
N ALA A 380 -7.85 -8.76 27.15
CA ALA A 380 -7.17 -9.54 28.19
C ALA A 380 -5.67 -9.61 27.93
N LEU A 381 -5.28 -9.72 26.66
CA LEU A 381 -3.85 -9.82 26.34
C LEU A 381 -3.14 -8.49 26.56
N HIS A 382 -3.84 -7.37 26.37
CA HIS A 382 -3.23 -6.06 26.61
C HIS A 382 -2.99 -5.80 28.09
N ARG A 383 -3.69 -6.51 28.97
CA ARG A 383 -3.53 -6.34 30.42
C ARG A 383 -2.98 -7.59 31.09
N ASP A 384 -2.36 -8.47 30.32
CA ASP A 384 -1.80 -9.71 30.86
C ASP A 384 -0.61 -9.39 31.75
N PRO A 385 -0.65 -9.74 33.04
CA PRO A 385 0.49 -9.43 33.92
C PRO A 385 1.79 -10.11 33.49
N LYS A 386 1.71 -11.25 32.82
CA LYS A 386 2.92 -11.95 32.36
C LYS A 386 3.57 -11.28 31.14
N TYR A 387 3.16 -10.05 30.81
CA TYR A 387 3.76 -9.28 29.73
C TYR A 387 4.01 -7.84 30.18
N TRP A 388 2.98 -7.19 30.70
CA TRP A 388 3.02 -5.77 31.02
C TRP A 388 3.19 -5.60 32.52
N THR A 389 4.27 -4.92 32.92
CA THR A 389 4.49 -4.59 34.32
C THR A 389 3.47 -3.54 34.75
N GLU A 390 2.70 -3.84 35.78
CA GLU A 390 1.60 -2.99 36.23
C GLU A 390 0.66 -2.73 35.06
N PRO A 391 -0.10 -3.74 34.61
CA PRO A 391 -0.88 -3.57 33.38
C PRO A 391 -2.01 -2.57 33.50
N GLU A 392 -2.58 -2.39 34.68
CA GLU A 392 -3.67 -1.46 34.87
C GLU A 392 -3.21 0.00 34.90
N LYS A 393 -1.92 0.25 35.05
CA LYS A 393 -1.41 1.61 35.15
C LYS A 393 -1.12 2.20 33.77
N PHE A 394 -1.29 3.52 33.67
CA PHE A 394 -1.06 4.25 32.43
C PHE A 394 0.40 4.71 32.42
N LEU A 395 1.25 3.96 31.75
CA LEU A 395 2.68 4.25 31.67
C LEU A 395 3.10 4.28 30.21
N PRO A 396 3.17 5.46 29.59
CA PRO A 396 3.57 5.53 28.18
C PRO A 396 4.98 5.04 27.90
N GLU A 397 5.81 4.88 28.94
CA GLU A 397 7.19 4.44 28.73
C GLU A 397 7.30 3.00 28.23
N ARG A 398 6.21 2.24 28.24
CA ARG A 398 6.24 0.91 27.66
C ARG A 398 6.55 0.96 26.17
N PHE A 399 6.12 2.01 25.48
CA PHE A 399 6.24 2.13 24.04
C PHE A 399 7.38 3.04 23.60
N SER A 400 8.28 3.40 24.52
CA SER A 400 9.48 4.12 24.12
C SER A 400 10.36 3.21 23.27
N ALA A 401 11.14 3.83 22.38
CA ALA A 401 12.02 3.06 21.51
C ALA A 401 13.06 2.26 22.30
N LYS A 402 13.25 2.59 23.57
CA LYS A 402 14.10 1.78 24.43
C LYS A 402 13.41 0.48 24.82
N ASN A 403 12.10 0.51 25.03
CA ASN A 403 11.35 -0.64 25.50
C ASN A 403 10.42 -1.25 24.45
N ALA A 404 10.20 -0.58 23.31
CA ALA A 404 9.25 -1.10 22.34
C ALA A 404 9.71 -2.40 21.69
N ASP A 405 10.97 -2.79 21.87
CA ASP A 405 11.43 -4.07 21.34
C ASP A 405 10.85 -5.24 22.10
N ASN A 406 10.50 -5.03 23.38
CA ASN A 406 9.91 -6.07 24.23
C ASN A 406 8.39 -6.12 24.12
N ILE A 407 7.84 -5.83 22.94
CA ILE A 407 6.40 -5.80 22.72
C ILE A 407 6.09 -6.70 21.55
N ASP A 408 5.34 -7.78 21.80
CA ASP A 408 4.98 -8.71 20.74
C ASP A 408 3.84 -8.13 19.91
N PRO A 409 4.00 -7.96 18.60
CA PRO A 409 2.92 -7.40 17.77
C PRO A 409 1.72 -8.31 17.64
N TYR A 410 1.76 -9.52 18.21
CA TYR A 410 0.59 -10.40 18.25
C TYR A 410 0.01 -10.52 19.64
N ILE A 411 0.59 -9.82 20.63
CA ILE A 411 -0.05 -9.60 21.91
C ILE A 411 -0.71 -8.22 21.97
N TYR A 412 -0.03 -7.21 21.45
CA TYR A 412 -0.56 -5.85 21.36
C TYR A 412 -1.12 -5.66 19.96
N THR A 413 -2.42 -5.88 19.80
CA THR A 413 -3.10 -5.79 18.51
C THR A 413 -4.32 -4.88 18.63
N PRO A 414 -4.10 -3.56 18.77
CA PRO A 414 -5.24 -2.64 18.84
C PRO A 414 -5.96 -2.46 17.51
N PHE A 415 -5.27 -2.69 16.39
CA PHE A 415 -5.88 -2.61 15.06
C PHE A 415 -5.98 -3.96 14.39
N GLY A 416 -5.79 -5.05 15.13
CA GLY A 416 -5.76 -6.37 14.53
C GLY A 416 -4.42 -6.63 13.85
N SER A 417 -4.42 -7.63 12.98
CA SER A 417 -3.22 -8.00 12.24
C SER A 417 -3.62 -8.84 11.04
N GLY A 418 -2.71 -8.93 10.09
CA GLY A 418 -2.91 -9.75 8.91
C GLY A 418 -3.61 -8.99 7.79
N PRO A 419 -4.01 -9.72 6.75
CA PRO A 419 -4.65 -9.05 5.60
C PRO A 419 -5.97 -8.38 5.93
N ARG A 420 -6.67 -8.82 6.97
CA ARG A 420 -7.95 -8.23 7.35
C ARG A 420 -7.85 -7.44 8.66
N ASN A 421 -6.79 -6.66 8.80
CA ASN A 421 -6.65 -5.76 9.93
C ASN A 421 -7.46 -4.49 9.65
N CYS A 422 -7.33 -3.49 10.51
CA CYS A 422 -8.03 -2.23 10.32
C CYS A 422 -7.48 -1.51 9.10
N ILE A 423 -8.31 -1.36 8.07
CA ILE A 423 -7.86 -0.69 6.85
C ILE A 423 -7.67 0.80 7.07
N GLY A 424 -8.30 1.37 8.10
CA GLY A 424 -8.16 2.79 8.38
C GLY A 424 -7.29 3.07 9.59
N MET A 425 -6.34 2.18 9.87
CA MET A 425 -5.46 2.35 11.02
C MET A 425 -4.64 3.63 10.90
N ARG A 426 -3.93 3.80 9.78
CA ARG A 426 -3.07 4.96 9.62
C ARG A 426 -3.86 6.25 9.52
N PHE A 427 -5.07 6.20 8.95
CA PHE A 427 -5.91 7.40 8.94
C PHE A 427 -6.36 7.77 10.35
N ALA A 428 -6.74 6.76 11.15
CA ALA A 428 -7.17 7.03 12.52
C ALA A 428 -6.02 7.58 13.36
N LEU A 429 -4.81 7.03 13.19
CA LEU A 429 -3.67 7.52 13.93
C LEU A 429 -3.34 8.96 13.55
N MET A 430 -3.41 9.29 12.26
CA MET A 430 -3.09 10.64 11.84
C MET A 430 -4.20 11.61 12.24
N ASN A 431 -5.46 11.21 12.10
CA ASN A 431 -6.57 12.10 12.43
C ASN A 431 -6.58 12.42 13.93
N MET A 432 -6.33 11.43 14.78
CA MET A 432 -6.31 11.67 16.22
C MET A 432 -5.11 12.51 16.63
N LYS A 433 -3.93 12.20 16.10
CA LYS A 433 -2.74 12.99 16.43
C LYS A 433 -2.87 14.42 15.94
N LEU A 434 -3.50 14.62 14.76
CA LEU A 434 -3.71 15.98 14.30
C LEU A 434 -4.68 16.73 15.21
N ALA A 435 -5.51 16.00 15.95
CA ALA A 435 -6.44 16.66 16.84
C ALA A 435 -5.79 16.95 18.19
N LEU A 436 -5.03 15.99 18.72
CA LEU A 436 -4.37 16.17 20.01
C LEU A 436 -3.38 17.32 19.96
N ILE A 437 -2.68 17.48 18.83
CA ILE A 437 -1.70 18.55 18.69
C ILE A 437 -2.37 19.91 18.79
N ARG A 438 -3.35 20.16 17.90
CA ARG A 438 -4.00 21.47 17.86
C ARG A 438 -4.73 21.79 19.16
N VAL A 439 -5.16 20.77 19.88
CA VAL A 439 -5.85 21.01 21.15
C VAL A 439 -4.85 21.33 22.25
N LEU A 440 -3.83 20.50 22.40
CA LEU A 440 -2.84 20.70 23.46
C LEU A 440 -1.96 21.92 23.18
N GLN A 441 -1.94 22.43 21.96
CA GLN A 441 -1.21 23.67 21.69
C GLN A 441 -1.85 24.86 22.39
N ASN A 442 -3.16 24.81 22.63
CA ASN A 442 -3.89 25.96 23.15
C ASN A 442 -4.56 25.71 24.50
N PHE A 443 -4.67 24.48 24.97
CA PHE A 443 -5.45 24.19 26.16
C PHE A 443 -4.76 23.15 27.02
N SER A 444 -5.10 23.17 28.31
CA SER A 444 -4.77 22.13 29.26
C SER A 444 -6.04 21.60 29.90
N PHE A 445 -5.99 20.36 30.38
CA PHE A 445 -7.18 19.66 30.84
C PHE A 445 -7.03 19.20 32.28
N LYS A 446 -8.07 19.42 33.07
CA LYS A 446 -8.10 19.08 34.49
C LYS A 446 -9.39 18.33 34.81
N PRO A 447 -9.38 17.48 35.83
CA PRO A 447 -10.62 16.83 36.27
C PRO A 447 -11.62 17.84 36.82
N CYS A 448 -12.83 17.35 37.07
CA CYS A 448 -13.94 18.21 37.49
C CYS A 448 -14.68 17.69 38.72
N LYS A 449 -14.19 16.65 39.39
CA LYS A 449 -14.89 16.01 40.50
C LYS A 449 -16.11 15.25 39.97
N GLU A 450 -16.97 15.93 39.19
CA GLU A 450 -18.00 15.23 38.45
C GLU A 450 -17.40 14.31 37.39
N THR A 451 -16.12 14.46 37.08
CA THR A 451 -15.42 13.49 36.24
C THR A 451 -15.26 12.18 37.00
N GLN A 452 -15.69 11.08 36.37
CA GLN A 452 -15.64 9.77 37.01
C GLN A 452 -14.18 9.31 37.10
N ILE A 453 -13.66 9.25 38.34
CA ILE A 453 -12.29 8.84 38.59
C ILE A 453 -12.31 7.81 39.71
N PRO A 454 -11.88 6.55 39.48
CA PRO A 454 -11.38 6.07 38.19
C PRO A 454 -12.48 5.84 37.16
N LEU A 455 -12.10 5.70 35.89
CA LEU A 455 -13.06 5.57 34.81
C LEU A 455 -13.67 4.16 34.81
N LYS A 456 -14.97 4.08 35.05
CA LYS A 456 -15.68 2.81 34.96
C LYS A 456 -16.05 2.54 33.50
N LEU A 457 -15.76 1.33 33.04
CA LEU A 457 -16.15 0.92 31.70
C LEU A 457 -17.59 0.42 31.69
N SER A 458 -18.28 0.67 30.58
CA SER A 458 -19.64 0.19 30.43
C SER A 458 -19.68 -1.33 30.45
N LEU A 459 -20.39 -1.89 31.43
CA LEU A 459 -20.53 -3.34 31.55
C LEU A 459 -21.42 -3.94 30.47
N GLY A 460 -21.74 -3.19 29.42
CA GLY A 460 -22.58 -3.70 28.35
C GLY A 460 -21.80 -4.30 27.20
N GLY A 461 -22.23 -4.03 25.97
CA GLY A 461 -21.63 -4.65 24.80
C GLY A 461 -20.30 -4.06 24.36
N LEU A 462 -20.30 -2.78 24.00
CA LEU A 462 -19.13 -2.13 23.43
C LEU A 462 -18.33 -1.41 24.51
N LEU A 463 -17.08 -1.10 24.15
CA LEU A 463 -16.12 -0.50 25.09
C LEU A 463 -16.40 1.00 25.18
N GLN A 464 -17.06 1.41 26.26
CA GLN A 464 -17.38 2.80 26.51
C GLN A 464 -17.35 3.05 28.00
N PRO A 465 -17.19 4.30 28.44
CA PRO A 465 -17.35 4.60 29.87
C PRO A 465 -18.81 4.57 30.27
N GLU A 466 -19.03 4.35 31.57
CA GLU A 466 -20.38 4.44 32.12
C GLU A 466 -20.87 5.88 32.03
N LYS A 467 -20.30 6.75 32.86
CA LYS A 467 -20.58 8.18 32.76
C LYS A 467 -19.68 8.81 31.70
N PRO A 468 -20.20 9.72 30.89
CA PRO A 468 -19.38 10.34 29.85
C PRO A 468 -18.20 11.10 30.44
N VAL A 469 -17.09 11.10 29.69
CA VAL A 469 -15.88 11.77 30.14
C VAL A 469 -16.09 13.28 30.07
N VAL A 470 -16.03 13.94 31.22
CA VAL A 470 -16.16 15.39 31.32
C VAL A 470 -14.89 15.94 31.98
N LEU A 471 -14.39 17.04 31.45
CA LEU A 471 -13.15 17.63 31.94
C LEU A 471 -13.24 19.15 31.88
N LYS A 472 -12.40 19.80 32.69
CA LYS A 472 -12.27 21.25 32.68
C LYS A 472 -11.23 21.65 31.64
N VAL A 473 -11.48 22.75 30.95
CA VAL A 473 -10.60 23.23 29.89
C VAL A 473 -10.09 24.61 30.29
N GLU A 474 -8.76 24.73 30.37
CA GLU A 474 -8.09 26.00 30.67
C GLU A 474 -7.27 26.42 29.47
N SER A 475 -7.38 27.68 29.09
CA SER A 475 -6.61 28.20 27.96
C SER A 475 -5.20 28.57 28.40
N ARG A 476 -4.31 28.69 27.42
CA ARG A 476 -2.91 29.00 27.68
C ARG A 476 -2.52 30.33 27.03
N SER B 9 25.32 30.28 -23.22
CA SER B 9 24.10 29.60 -22.78
C SER B 9 24.32 28.85 -21.47
N HIS B 10 25.59 28.71 -21.08
CA HIS B 10 25.96 28.01 -19.87
C HIS B 10 25.88 28.88 -18.62
N GLY B 11 25.14 29.99 -18.67
CA GLY B 11 24.98 30.83 -17.51
C GLY B 11 23.55 30.85 -17.00
N LEU B 12 22.80 29.79 -17.28
CA LEU B 12 21.40 29.73 -16.87
C LEU B 12 21.27 29.50 -15.37
N PHE B 13 21.87 28.40 -14.88
CA PHE B 13 21.80 28.11 -13.46
C PHE B 13 22.54 29.16 -12.63
N LYS B 14 23.52 29.83 -13.22
CA LYS B 14 24.15 30.96 -12.55
C LYS B 14 23.17 32.12 -12.42
N LYS B 15 22.36 32.36 -13.45
CA LYS B 15 21.36 33.41 -13.39
C LYS B 15 20.28 33.08 -12.38
N LEU B 16 19.76 31.85 -12.43
CA LEU B 16 18.67 31.45 -11.55
C LEU B 16 19.13 31.20 -10.11
N GLY B 17 20.43 31.25 -9.84
CA GLY B 17 20.91 31.01 -8.50
C GLY B 17 20.82 29.57 -8.05
N ILE B 18 20.81 28.63 -8.98
CA ILE B 18 20.74 27.20 -8.67
C ILE B 18 22.15 26.63 -8.74
N PRO B 19 22.65 25.98 -7.69
CA PRO B 19 24.03 25.50 -7.69
C PRO B 19 24.26 24.35 -8.66
N GLY B 20 25.52 23.92 -8.78
CA GLY B 20 25.87 22.83 -9.67
C GLY B 20 27.33 22.90 -10.10
N PRO B 21 27.81 21.83 -10.72
CA PRO B 21 29.21 21.81 -11.18
C PRO B 21 29.45 22.78 -12.32
N THR B 22 30.67 23.28 -12.39
CA THR B 22 31.02 24.28 -13.40
C THR B 22 31.09 23.60 -14.77
N PRO B 23 30.36 24.10 -15.77
CA PRO B 23 30.39 23.46 -17.08
C PRO B 23 31.55 23.96 -17.94
N LEU B 24 32.13 23.04 -18.71
CA LEU B 24 33.12 23.41 -19.70
C LEU B 24 32.44 23.88 -20.98
N PRO B 25 33.08 24.75 -21.75
CA PRO B 25 32.46 25.20 -23.01
C PRO B 25 32.17 24.03 -23.93
N PHE B 26 31.00 24.10 -24.58
CA PHE B 26 30.51 23.08 -25.52
C PHE B 26 30.18 21.76 -24.81
N LEU B 27 31.13 21.22 -24.06
CA LEU B 27 30.91 19.95 -23.38
C LEU B 27 29.88 20.08 -22.26
N GLY B 28 30.01 21.10 -21.43
CA GLY B 28 29.17 21.23 -20.27
C GLY B 28 29.72 20.44 -19.10
N ASN B 29 28.94 19.49 -18.60
CA ASN B 29 29.37 18.63 -17.50
C ASN B 29 29.48 17.17 -17.90
N ILE B 30 29.50 16.87 -19.21
CA ILE B 30 29.48 15.48 -19.66
C ILE B 30 30.79 14.76 -19.36
N LEU B 31 31.88 15.50 -19.10
CA LEU B 31 33.12 14.84 -18.70
C LEU B 31 32.99 14.15 -17.36
N SER B 32 32.04 14.56 -16.52
CA SER B 32 31.79 13.90 -15.25
C SER B 32 31.02 12.59 -15.40
N TYR B 33 30.62 12.23 -16.61
CA TYR B 33 29.95 10.97 -16.86
C TYR B 33 30.91 9.79 -17.00
N HIS B 34 32.21 10.01 -16.81
CA HIS B 34 33.17 8.92 -16.87
C HIS B 34 32.91 7.87 -15.81
N LYS B 35 32.26 8.24 -14.71
CA LYS B 35 31.88 7.31 -13.65
C LYS B 35 30.49 6.72 -13.87
N GLY B 36 29.70 7.30 -14.76
CA GLY B 36 28.33 6.88 -14.99
C GLY B 36 27.34 7.91 -14.49
N PHE B 37 26.09 7.76 -14.93
CA PHE B 37 25.03 8.66 -14.48
C PHE B 37 24.82 8.56 -12.98
N CYS B 38 24.95 7.35 -12.43
CA CYS B 38 24.62 7.11 -11.02
C CYS B 38 25.57 7.86 -10.11
N MET B 39 26.88 7.61 -10.24
CA MET B 39 27.85 8.23 -9.35
C MET B 39 27.87 9.74 -9.50
N PHE B 40 27.58 10.24 -10.70
CA PHE B 40 27.53 11.69 -10.89
C PHE B 40 26.32 12.30 -10.19
N ASP B 41 25.19 11.60 -10.22
CA ASP B 41 23.99 12.11 -9.54
C ASP B 41 24.12 12.01 -8.03
N MET B 42 24.87 11.04 -7.54
CA MET B 42 25.04 10.90 -6.09
C MET B 42 26.04 11.91 -5.54
N GLU B 43 27.14 12.15 -6.26
CA GLU B 43 28.10 13.15 -5.82
C GLU B 43 27.48 14.55 -5.82
N CYS B 44 26.68 14.86 -6.85
CA CYS B 44 26.00 16.14 -6.90
C CYS B 44 24.89 16.25 -5.84
N HIS B 45 24.37 15.12 -5.38
CA HIS B 45 23.32 15.16 -4.36
C HIS B 45 23.90 15.55 -3.00
N LYS B 46 25.12 15.09 -2.69
CA LYS B 46 25.71 15.41 -1.40
C LYS B 46 26.47 16.73 -1.44
N LYS B 47 26.99 17.12 -2.61
CA LYS B 47 27.81 18.33 -2.71
C LYS B 47 26.97 19.60 -2.72
N TYR B 48 25.78 19.56 -3.31
CA TYR B 48 24.97 20.75 -3.50
C TYR B 48 23.68 20.76 -2.71
N GLY B 49 22.99 19.63 -2.60
CA GLY B 49 21.82 19.55 -1.74
C GLY B 49 20.55 19.08 -2.42
N LYS B 50 19.45 19.81 -2.19
CA LYS B 50 18.15 19.37 -2.67
C LYS B 50 17.96 19.67 -4.15
N VAL B 51 18.58 20.73 -4.67
CA VAL B 51 18.38 21.17 -6.04
C VAL B 51 19.72 21.61 -6.61
N TRP B 52 20.08 21.04 -7.76
CA TRP B 52 21.30 21.44 -8.47
C TRP B 52 21.03 21.35 -9.97
N GLY B 53 21.95 21.92 -10.73
CA GLY B 53 21.81 21.93 -12.18
C GLY B 53 23.15 21.72 -12.86
N PHE B 54 23.10 21.07 -14.01
CA PHE B 54 24.28 20.82 -14.84
C PHE B 54 23.87 20.95 -16.30
N TYR B 55 24.83 20.71 -17.19
CA TYR B 55 24.64 20.92 -18.62
C TYR B 55 25.09 19.70 -19.39
N ASP B 56 24.17 19.10 -20.15
CA ASP B 56 24.51 18.04 -21.10
C ASP B 56 24.76 18.70 -22.45
N GLY B 57 26.00 19.19 -22.61
CA GLY B 57 26.33 20.02 -23.76
C GLY B 57 25.85 21.43 -23.55
N GLN B 58 24.88 21.85 -24.37
CA GLN B 58 24.21 23.13 -24.18
C GLN B 58 22.86 22.97 -23.49
N GLN B 59 22.46 21.73 -23.19
CA GLN B 59 21.14 21.46 -22.62
C GLN B 59 21.22 21.56 -21.10
N PRO B 60 20.58 22.55 -20.47
CA PRO B 60 20.58 22.62 -19.00
C PRO B 60 19.63 21.58 -18.41
N VAL B 61 20.10 20.87 -17.41
CA VAL B 61 19.31 19.83 -16.74
C VAL B 61 19.19 20.18 -15.28
N LEU B 62 17.96 20.36 -14.80
CA LEU B 62 17.69 20.68 -13.41
C LEU B 62 17.30 19.41 -12.68
N ALA B 63 18.03 19.09 -11.61
CA ALA B 63 17.76 17.91 -10.80
C ALA B 63 17.01 18.32 -9.54
N ILE B 64 15.86 17.69 -9.32
CA ILE B 64 15.01 17.97 -8.16
C ILE B 64 14.94 16.72 -7.30
N THR B 65 14.94 16.91 -5.98
CA THR B 65 14.83 15.81 -5.04
C THR B 65 13.72 16.01 -4.02
N ASP B 66 13.02 17.13 -4.05
CA ASP B 66 11.92 17.37 -3.11
C ASP B 66 10.70 16.56 -3.52
N PRO B 67 10.16 15.71 -2.66
CA PRO B 67 9.01 14.88 -3.07
C PRO B 67 7.80 15.69 -3.50
N ASP B 68 7.55 16.83 -2.85
CA ASP B 68 6.43 17.68 -3.27
C ASP B 68 6.68 18.25 -4.66
N MET B 69 7.93 18.61 -4.95
CA MET B 69 8.26 19.14 -6.28
C MET B 69 8.29 18.03 -7.32
N ILE B 70 8.68 16.81 -6.92
CA ILE B 70 8.63 15.67 -7.84
C ILE B 70 7.20 15.35 -8.21
N LYS B 71 6.28 15.45 -7.24
CA LYS B 71 4.87 15.17 -7.52
C LYS B 71 4.29 16.20 -8.48
N THR B 72 4.72 17.46 -8.37
CA THR B 72 4.19 18.50 -9.24
C THR B 72 4.58 18.24 -10.69
N VAL B 73 5.79 17.75 -10.93
CA VAL B 73 6.25 17.49 -12.29
C VAL B 73 5.63 16.23 -12.86
N LEU B 74 5.67 15.14 -12.09
CA LEU B 74 5.28 13.84 -12.62
C LEU B 74 3.77 13.68 -12.73
N VAL B 75 3.02 14.22 -11.77
CA VAL B 75 1.59 13.95 -11.64
C VAL B 75 0.74 15.18 -11.96
N LYS B 76 0.97 16.28 -11.24
CA LYS B 76 0.05 17.42 -11.31
C LYS B 76 0.15 18.11 -12.66
N GLU B 77 1.32 18.66 -13.00
CA GLU B 77 1.50 19.43 -14.23
C GLU B 77 2.01 18.57 -15.38
N CYS B 78 1.59 17.31 -15.46
CA CYS B 78 2.04 16.44 -16.55
C CYS B 78 1.44 16.87 -17.89
N TYR B 79 0.11 16.89 -17.98
CA TYR B 79 -0.54 17.23 -19.23
C TYR B 79 -0.35 18.70 -19.62
N SER B 80 0.03 19.55 -18.69
CA SER B 80 0.12 20.99 -18.95
C SER B 80 1.52 21.49 -19.23
N VAL B 81 2.52 20.98 -18.53
CA VAL B 81 3.88 21.52 -18.63
C VAL B 81 4.89 20.41 -18.89
N PHE B 82 4.89 19.39 -18.04
CA PHE B 82 5.90 18.34 -18.11
C PHE B 82 5.30 17.08 -18.73
N THR B 83 5.07 17.17 -20.04
CA THR B 83 4.44 16.11 -20.80
C THR B 83 5.42 15.17 -21.48
N ASN B 84 6.51 15.69 -22.03
CA ASN B 84 7.44 14.90 -22.84
C ASN B 84 8.79 14.80 -22.17
N ARG B 85 9.52 13.75 -22.52
CA ARG B 85 10.87 13.53 -22.02
C ARG B 85 11.87 14.28 -22.92
N ARG B 86 13.16 14.06 -22.68
CA ARG B 86 14.18 14.74 -23.47
C ARG B 86 14.08 14.31 -24.92
N PRO B 87 14.11 15.25 -25.87
CA PRO B 87 14.05 14.86 -27.29
C PRO B 87 15.23 13.98 -27.68
N PHE B 88 14.92 12.88 -28.37
CA PHE B 88 15.89 11.84 -28.70
C PHE B 88 15.95 11.68 -30.20
N GLY B 89 17.14 11.85 -30.78
CA GLY B 89 17.32 11.74 -32.21
C GLY B 89 18.77 11.44 -32.59
N PRO B 90 19.00 11.11 -33.87
CA PRO B 90 17.95 10.99 -34.88
C PRO B 90 17.27 9.62 -34.85
N VAL B 91 15.94 9.60 -34.84
CA VAL B 91 15.20 8.35 -34.72
C VAL B 91 14.72 7.91 -36.09
N GLY B 92 13.82 8.68 -36.70
CA GLY B 92 13.21 8.28 -37.95
C GLY B 92 11.79 7.75 -37.76
N PHE B 93 11.50 6.56 -38.29
CA PHE B 93 10.16 6.02 -38.14
C PHE B 93 9.88 5.61 -36.69
N MET B 94 10.89 5.62 -35.83
CA MET B 94 10.72 5.38 -34.41
C MET B 94 10.22 6.60 -33.64
N LYS B 95 10.04 7.75 -34.29
CA LYS B 95 9.48 8.91 -33.62
C LYS B 95 8.04 8.68 -33.16
N SER B 96 7.35 7.68 -33.74
CA SER B 96 5.97 7.36 -33.37
C SER B 96 5.89 6.35 -32.23
N ALA B 97 7.01 5.92 -31.67
CA ALA B 97 6.99 5.04 -30.51
C ALA B 97 6.41 5.79 -29.30
N ILE B 98 5.66 5.06 -28.48
CA ILE B 98 4.97 5.68 -27.35
C ILE B 98 5.96 6.26 -26.35
N SER B 99 7.13 5.63 -26.21
CA SER B 99 8.14 6.17 -25.30
C SER B 99 8.82 7.42 -25.86
N ILE B 100 8.74 7.63 -27.18
CA ILE B 100 9.37 8.78 -27.81
C ILE B 100 8.36 9.84 -28.26
N ALA B 101 7.11 9.45 -28.50
CA ALA B 101 6.10 10.39 -29.01
C ALA B 101 5.89 11.53 -28.02
N GLU B 102 5.31 12.62 -28.54
CA GLU B 102 5.11 13.83 -27.76
C GLU B 102 3.66 14.31 -27.90
N ASP B 103 3.14 14.86 -26.81
CA ASP B 103 1.86 15.57 -26.81
C ASP B 103 0.70 14.69 -27.25
N GLU B 104 0.08 15.03 -28.38
CA GLU B 104 -1.16 14.37 -28.77
C GLU B 104 -0.92 13.00 -29.40
N GLU B 105 0.17 12.83 -30.15
CA GLU B 105 0.49 11.51 -30.67
C GLU B 105 0.81 10.53 -29.55
N TRP B 106 1.30 11.05 -28.41
CA TRP B 106 1.49 10.21 -27.23
C TRP B 106 0.18 9.91 -26.53
N LYS B 107 -0.66 10.95 -26.36
CA LYS B 107 -1.93 10.77 -25.67
C LYS B 107 -2.83 9.78 -26.40
N ARG B 108 -2.87 9.87 -27.72
CA ARG B 108 -3.66 8.92 -28.50
C ARG B 108 -3.08 7.51 -28.43
N LEU B 109 -1.75 7.39 -28.36
CA LEU B 109 -1.12 6.08 -28.21
C LEU B 109 -1.18 5.58 -26.78
N ARG B 110 -1.12 6.49 -25.80
CA ARG B 110 -1.26 6.08 -24.40
C ARG B 110 -2.64 5.50 -24.14
N SER B 111 -3.68 6.07 -24.76
CA SER B 111 -5.03 5.55 -24.61
C SER B 111 -5.23 4.28 -25.41
N LEU B 112 -4.55 4.14 -26.54
CA LEU B 112 -4.75 2.97 -27.39
C LEU B 112 -4.14 1.72 -26.76
N LEU B 113 -2.99 1.86 -26.10
CA LEU B 113 -2.25 0.73 -25.56
C LEU B 113 -2.48 0.51 -24.07
N SER B 114 -3.22 1.39 -23.41
CA SER B 114 -3.54 1.18 -22.00
C SER B 114 -4.37 -0.08 -21.74
N PRO B 115 -5.38 -0.45 -22.58
CA PRO B 115 -6.15 -1.67 -22.28
C PRO B 115 -5.36 -2.96 -22.42
N THR B 116 -4.10 -2.86 -22.84
CA THR B 116 -3.29 -4.06 -23.00
C THR B 116 -3.04 -4.75 -21.67
N PHE B 117 -2.86 -3.98 -20.59
CA PHE B 117 -2.51 -4.56 -19.31
C PHE B 117 -3.55 -4.25 -18.24
N THR B 118 -4.81 -4.56 -18.50
CA THR B 118 -5.83 -4.44 -17.48
C THR B 118 -5.76 -5.65 -16.55
N SER B 119 -6.55 -5.60 -15.47
CA SER B 119 -6.60 -6.73 -14.55
C SER B 119 -7.20 -7.97 -15.19
N GLY B 120 -7.98 -7.82 -16.25
CA GLY B 120 -8.55 -8.95 -16.95
C GLY B 120 -7.60 -9.52 -17.99
N LYS B 121 -6.96 -8.64 -18.76
CA LYS B 121 -6.00 -9.10 -19.77
C LYS B 121 -4.79 -9.73 -19.10
N LEU B 122 -4.35 -9.19 -17.96
CA LEU B 122 -3.22 -9.77 -17.24
C LEU B 122 -3.57 -11.16 -16.71
N LYS B 123 -4.80 -11.33 -16.22
CA LYS B 123 -5.23 -12.63 -15.70
C LYS B 123 -5.33 -13.68 -16.81
N GLU B 124 -5.48 -13.26 -18.06
CA GLU B 124 -5.49 -14.20 -19.17
C GLU B 124 -4.09 -14.73 -19.49
N MET B 125 -3.04 -13.99 -19.13
CA MET B 125 -1.68 -14.37 -19.47
C MET B 125 -1.09 -15.42 -18.54
N VAL B 126 -1.74 -15.71 -17.42
CA VAL B 126 -1.18 -16.67 -16.45
C VAL B 126 -1.04 -18.06 -17.04
N PRO B 127 -2.06 -18.64 -17.70
CA PRO B 127 -1.86 -19.96 -18.31
C PRO B 127 -0.84 -19.95 -19.44
N ILE B 128 -0.74 -18.85 -20.18
CA ILE B 128 0.24 -18.78 -21.26
C ILE B 128 1.66 -18.71 -20.68
N ILE B 129 1.85 -17.92 -19.63
CA ILE B 129 3.16 -17.82 -19.00
C ILE B 129 3.53 -19.13 -18.32
N ALA B 130 2.55 -19.86 -17.78
CA ALA B 130 2.82 -21.10 -17.08
C ALA B 130 3.48 -22.15 -17.96
N GLN B 131 3.31 -22.07 -19.28
CA GLN B 131 3.96 -23.01 -20.18
C GLN B 131 5.46 -22.82 -20.17
N TYR B 132 5.91 -21.57 -20.31
CA TYR B 132 7.35 -21.28 -20.38
C TYR B 132 8.05 -21.42 -19.05
N GLY B 133 7.31 -21.41 -17.94
CA GLY B 133 7.93 -21.62 -16.64
C GLY B 133 8.47 -23.03 -16.48
N ASP B 134 7.86 -24.00 -17.16
CA ASP B 134 8.34 -25.38 -17.10
C ASP B 134 9.60 -25.56 -17.94
N VAL B 135 9.64 -24.94 -19.12
CA VAL B 135 10.85 -25.00 -19.94
C VAL B 135 12.00 -24.31 -19.25
N LEU B 136 11.72 -23.25 -18.48
CA LEU B 136 12.76 -22.58 -17.71
C LEU B 136 13.35 -23.50 -16.65
N VAL B 137 12.54 -24.37 -16.07
CA VAL B 137 13.05 -25.30 -15.06
C VAL B 137 13.82 -26.44 -15.71
N ARG B 138 13.33 -26.96 -16.83
CA ARG B 138 14.03 -28.05 -17.51
C ARG B 138 15.40 -27.60 -18.02
N ASN B 139 15.49 -26.38 -18.57
CA ASN B 139 16.77 -25.88 -19.04
C ASN B 139 17.71 -25.59 -17.89
N LEU B 140 17.17 -25.13 -16.75
CA LEU B 140 18.02 -24.95 -15.58
C LEU B 140 18.38 -26.30 -14.95
N ARG B 141 17.57 -27.33 -15.17
CA ARG B 141 17.85 -28.64 -14.60
C ARG B 141 19.05 -29.29 -15.28
N ARG B 142 19.21 -29.08 -16.59
CA ARG B 142 20.34 -29.66 -17.30
C ARG B 142 21.66 -29.05 -16.84
N GLU B 143 21.67 -27.73 -16.59
CA GLU B 143 22.85 -27.08 -16.07
C GLU B 143 23.00 -27.19 -14.56
N ALA B 144 22.01 -27.75 -13.87
CA ALA B 144 22.12 -28.01 -12.44
C ALA B 144 22.53 -29.43 -12.12
N GLU B 145 22.09 -30.41 -12.92
CA GLU B 145 22.53 -31.79 -12.72
C GLU B 145 24.03 -31.94 -12.97
N THR B 146 24.59 -31.11 -13.85
CA THR B 146 26.01 -31.10 -14.12
C THR B 146 26.65 -29.83 -13.58
N GLY B 147 27.73 -29.99 -12.80
CA GLY B 147 28.43 -28.84 -12.24
C GLY B 147 28.83 -27.88 -13.33
N LYS B 148 28.16 -26.73 -13.42
CA LYS B 148 28.42 -25.75 -14.46
C LYS B 148 27.73 -24.43 -14.11
N PRO B 149 28.49 -23.34 -13.94
CA PRO B 149 27.87 -22.04 -13.67
C PRO B 149 26.96 -21.61 -14.80
N VAL B 150 25.85 -20.98 -14.45
CA VAL B 150 24.80 -20.62 -15.40
C VAL B 150 24.78 -19.11 -15.55
N THR B 151 24.93 -18.64 -16.79
CA THR B 151 24.71 -17.23 -17.09
C THR B 151 23.22 -16.95 -16.99
N LEU B 152 22.83 -16.21 -15.94
CA LEU B 152 21.41 -16.04 -15.63
C LEU B 152 20.70 -15.18 -16.66
N LYS B 153 21.36 -14.12 -17.16
CA LYS B 153 20.70 -13.24 -18.12
C LYS B 153 20.41 -13.92 -19.45
N ASP B 154 21.16 -14.99 -19.77
CA ASP B 154 20.87 -15.74 -20.99
C ASP B 154 19.65 -16.63 -20.81
N VAL B 155 19.60 -17.38 -19.70
CA VAL B 155 18.49 -18.29 -19.48
C VAL B 155 17.22 -17.51 -19.11
N PHE B 156 17.36 -16.39 -18.40
CA PHE B 156 16.20 -15.56 -18.11
C PHE B 156 15.73 -14.79 -19.34
N GLY B 157 16.67 -14.39 -20.20
CA GLY B 157 16.31 -13.64 -21.39
C GLY B 157 15.51 -14.47 -22.37
N ALA B 158 15.85 -15.75 -22.51
CA ALA B 158 15.08 -16.62 -23.40
C ALA B 158 13.67 -16.83 -22.89
N TYR B 159 13.48 -16.85 -21.56
CA TYR B 159 12.14 -16.96 -21.00
C TYR B 159 11.36 -15.67 -21.21
N SER B 160 12.02 -14.52 -21.05
CA SER B 160 11.32 -13.24 -21.17
C SER B 160 10.91 -12.97 -22.61
N MET B 161 11.69 -13.45 -23.59
CA MET B 161 11.33 -13.22 -24.99
C MET B 161 10.09 -14.00 -25.38
N ASP B 162 10.01 -15.27 -24.97
CA ASP B 162 8.85 -16.08 -25.32
C ASP B 162 7.58 -15.60 -24.63
N VAL B 163 7.71 -14.95 -23.48
CA VAL B 163 6.53 -14.44 -22.78
C VAL B 163 5.95 -13.24 -23.51
N ILE B 164 6.80 -12.30 -23.91
CA ILE B 164 6.31 -11.08 -24.54
C ILE B 164 5.87 -11.32 -25.98
N THR B 165 6.47 -12.30 -26.66
CA THR B 165 6.08 -12.59 -28.03
C THR B 165 4.77 -13.36 -28.11
N SER B 166 4.34 -14.00 -27.03
CA SER B 166 3.08 -14.73 -26.98
C SER B 166 1.95 -13.92 -26.34
N THR B 167 2.26 -13.15 -25.29
CA THR B 167 1.22 -12.34 -24.65
C THR B 167 0.88 -11.11 -25.47
N SER B 168 1.70 -10.77 -26.46
CA SER B 168 1.45 -9.61 -27.32
C SER B 168 1.16 -9.99 -28.77
N PHE B 169 1.56 -11.18 -29.19
CA PHE B 169 1.32 -11.61 -30.57
C PHE B 169 0.78 -13.03 -30.71
N GLY B 170 0.90 -13.88 -29.69
CA GLY B 170 0.40 -15.24 -29.83
C GLY B 170 1.31 -16.15 -30.62
N VAL B 171 2.47 -15.68 -31.06
CA VAL B 171 3.38 -16.46 -31.87
C VAL B 171 4.43 -17.09 -30.97
N ASN B 172 4.80 -18.33 -31.27
CA ASN B 172 5.77 -19.08 -30.48
C ASN B 172 7.10 -19.12 -31.23
N ILE B 173 8.13 -18.58 -30.61
CA ILE B 173 9.46 -18.56 -31.22
C ILE B 173 10.42 -19.56 -30.56
N ASP B 174 10.10 -20.07 -29.38
CA ASP B 174 10.88 -21.12 -28.71
C ASP B 174 12.32 -20.69 -28.40
N PRO B 179 19.33 -21.85 -28.98
CA PRO B 179 20.04 -20.83 -28.18
C PRO B 179 20.44 -19.61 -29.01
N GLN B 180 20.49 -19.77 -30.33
CA GLN B 180 20.82 -18.67 -31.22
C GLN B 180 19.57 -18.18 -31.94
N ASP B 181 18.51 -17.89 -31.19
CA ASP B 181 17.29 -17.36 -31.78
C ASP B 181 17.57 -15.96 -32.33
N PRO B 182 17.21 -15.69 -33.59
CA PRO B 182 17.55 -14.39 -34.18
C PRO B 182 16.84 -13.21 -33.53
N PHE B 183 15.75 -13.44 -32.79
CA PHE B 183 15.10 -12.34 -32.09
C PHE B 183 15.93 -11.87 -30.90
N VAL B 184 16.38 -12.81 -30.07
CA VAL B 184 17.22 -12.45 -28.93
C VAL B 184 18.54 -11.86 -29.41
N GLU B 185 19.07 -12.37 -30.52
CA GLU B 185 20.34 -11.85 -31.04
C GLU B 185 20.17 -10.45 -31.58
N ASN B 186 19.04 -10.16 -32.22
CA ASN B 186 18.83 -8.83 -32.79
C ASN B 186 18.35 -7.84 -31.74
N THR B 187 17.51 -8.29 -30.80
CA THR B 187 17.01 -7.38 -29.77
C THR B 187 18.11 -6.94 -28.82
N LYS B 188 19.12 -7.79 -28.60
CA LYS B 188 20.17 -7.46 -27.64
C LYS B 188 21.17 -6.45 -28.19
N LYS B 189 21.40 -6.44 -29.50
CA LYS B 189 22.39 -5.55 -30.09
C LYS B 189 21.84 -4.16 -30.38
N LEU B 190 20.77 -3.75 -29.69
CA LEU B 190 20.45 -2.34 -29.54
C LEU B 190 21.30 -1.69 -28.46
N LEU B 191 22.25 -2.42 -27.92
CA LEU B 191 23.15 -1.94 -26.88
C LEU B 191 24.21 -1.00 -27.45
N PRO B 198 28.92 5.46 -26.57
CA PRO B 198 29.99 5.45 -27.57
C PRO B 198 30.13 6.79 -28.29
N PHE B 199 29.35 6.99 -29.36
CA PHE B 199 29.34 8.24 -30.09
C PHE B 199 28.16 9.14 -29.70
N PHE B 200 27.26 8.66 -28.83
CA PHE B 200 26.23 9.53 -28.28
C PHE B 200 26.81 10.71 -27.52
N LEU B 201 28.11 10.67 -27.21
CA LEU B 201 28.83 11.84 -26.70
C LEU B 201 28.67 13.05 -27.61
N SER B 202 28.34 12.84 -28.88
CA SER B 202 28.27 13.92 -29.85
C SER B 202 26.90 14.59 -29.89
N ILE B 203 25.82 13.81 -29.95
CA ILE B 203 24.47 14.39 -29.94
C ILE B 203 24.22 15.15 -28.65
N THR B 204 24.83 14.69 -27.55
CA THR B 204 24.79 15.47 -26.31
C THR B 204 25.50 16.80 -26.47
N VAL B 205 26.47 16.88 -27.38
CA VAL B 205 27.18 18.11 -27.65
C VAL B 205 26.74 18.77 -28.95
N PHE B 206 26.23 17.99 -29.92
CA PHE B 206 25.73 18.54 -31.18
C PHE B 206 24.22 18.40 -31.27
N PRO B 207 23.43 19.27 -30.63
CA PRO B 207 21.98 19.23 -30.85
C PRO B 207 21.56 19.74 -32.21
N PHE B 208 22.42 20.52 -32.89
CA PHE B 208 22.10 21.02 -34.21
C PHE B 208 22.33 19.99 -35.31
N LEU B 209 23.03 18.90 -35.03
CA LEU B 209 23.26 17.84 -36.01
C LEU B 209 22.11 16.85 -36.06
N ILE B 210 21.11 16.96 -35.18
CA ILE B 210 19.95 16.07 -35.26
C ILE B 210 19.16 16.28 -36.54
N PRO B 211 18.77 17.51 -36.91
CA PRO B 211 18.07 17.68 -38.21
C PRO B 211 18.95 17.38 -39.40
N ILE B 212 20.28 17.39 -39.25
CA ILE B 212 21.16 17.00 -40.34
C ILE B 212 20.97 15.52 -40.66
N LEU B 213 20.76 14.71 -39.64
CA LEU B 213 20.52 13.28 -39.84
C LEU B 213 19.03 12.95 -39.95
N GLU B 214 18.15 13.86 -39.54
CA GLU B 214 16.72 13.61 -39.64
C GLU B 214 16.20 13.87 -41.05
N VAL B 215 16.42 15.09 -41.55
CA VAL B 215 15.95 15.44 -42.90
C VAL B 215 16.64 14.56 -43.94
N LEU B 216 17.89 14.17 -43.69
CA LEU B 216 18.60 13.26 -44.58
C LEU B 216 18.24 11.79 -44.37
N ASN B 217 17.36 11.51 -43.40
CA ASN B 217 16.91 10.14 -43.11
C ASN B 217 18.08 9.25 -42.67
N ILE B 218 18.66 9.61 -41.52
CA ILE B 218 19.68 8.84 -40.86
C ILE B 218 19.22 8.57 -39.43
N CYS B 219 19.52 7.38 -38.92
CA CYS B 219 19.04 6.94 -37.62
C CYS B 219 20.20 6.51 -36.73
N VAL B 220 19.88 6.27 -35.46
CA VAL B 220 20.86 5.73 -34.52
C VAL B 220 20.79 4.21 -34.48
N PHE B 221 19.58 3.65 -34.53
CA PHE B 221 19.44 2.20 -34.54
C PHE B 221 19.95 1.66 -35.88
N PRO B 222 20.71 0.57 -35.86
CA PRO B 222 21.17 -0.02 -37.13
C PRO B 222 20.00 -0.51 -37.96
N ARG B 223 20.11 -0.34 -39.28
CA ARG B 223 19.00 -0.65 -40.17
C ARG B 223 18.65 -2.12 -40.20
N GLU B 224 19.50 -3.01 -39.68
CA GLU B 224 19.23 -4.43 -39.75
C GLU B 224 18.46 -4.94 -38.54
N VAL B 225 18.72 -4.41 -37.35
CA VAL B 225 17.91 -4.77 -36.19
C VAL B 225 16.50 -4.23 -36.34
N THR B 226 16.31 -3.19 -37.14
CA THR B 226 14.97 -2.71 -37.44
C THR B 226 14.33 -3.54 -38.55
N ASN B 227 15.11 -3.89 -39.59
CA ASN B 227 14.58 -4.69 -40.68
C ASN B 227 14.08 -6.04 -40.18
N PHE B 228 14.89 -6.74 -39.37
CA PHE B 228 14.49 -8.05 -38.88
C PHE B 228 13.20 -7.98 -38.09
N LEU B 229 12.99 -6.89 -37.35
CA LEU B 229 11.76 -6.73 -36.58
C LEU B 229 10.64 -6.15 -37.43
N ARG B 230 10.96 -5.26 -38.38
CA ARG B 230 9.93 -4.66 -39.22
C ARG B 230 9.27 -5.70 -40.10
N LYS B 231 10.03 -6.69 -40.58
CA LYS B 231 9.46 -7.75 -41.39
C LYS B 231 8.95 -8.93 -40.56
N SER B 232 9.35 -9.03 -39.29
CA SER B 232 8.80 -10.05 -38.43
C SER B 232 7.38 -9.69 -37.97
N VAL B 233 7.15 -8.41 -37.68
CA VAL B 233 5.80 -7.97 -37.33
C VAL B 233 4.86 -8.12 -38.53
N LYS B 234 5.36 -7.81 -39.73
CA LYS B 234 4.58 -8.04 -40.95
C LYS B 234 4.33 -9.51 -41.19
N ARG B 235 5.09 -10.40 -40.55
CA ARG B 235 4.88 -11.83 -40.63
C ARG B 235 3.97 -12.35 -39.52
N MET B 236 4.06 -11.77 -38.32
CA MET B 236 3.14 -12.14 -37.25
C MET B 236 1.76 -11.49 -37.42
N LYS B 237 1.68 -10.43 -38.22
CA LYS B 237 0.42 -9.76 -38.48
C LYS B 237 -0.53 -10.58 -39.34
N GLU B 238 -0.07 -11.72 -39.87
CA GLU B 238 -0.88 -12.57 -40.72
C GLU B 238 -1.95 -13.24 -39.87
N SER B 239 -3.16 -12.67 -39.88
CA SER B 239 -4.28 -13.23 -39.11
C SER B 239 -5.56 -12.95 -39.89
N ARG B 240 -6.08 -13.96 -40.58
CA ARG B 240 -5.46 -15.29 -40.57
C ARG B 240 -4.73 -15.55 -41.88
N HIS B 247 -9.00 -14.06 -32.75
CA HIS B 247 -7.73 -14.29 -32.09
C HIS B 247 -7.92 -14.41 -30.59
N ARG B 248 -7.28 -13.51 -29.83
CA ARG B 248 -7.34 -13.54 -28.38
C ARG B 248 -7.43 -12.16 -27.75
N VAL B 249 -7.47 -11.09 -28.56
CA VAL B 249 -7.45 -9.70 -28.09
C VAL B 249 -6.22 -9.36 -27.25
N ASP B 250 -5.07 -9.25 -27.90
CA ASP B 250 -3.82 -9.00 -27.21
C ASP B 250 -3.24 -7.66 -27.62
N PHE B 251 -1.93 -7.46 -27.42
CA PHE B 251 -1.30 -6.21 -27.80
C PHE B 251 -1.36 -5.98 -29.31
N LEU B 252 -1.30 -7.05 -30.09
CA LEU B 252 -1.38 -6.91 -31.54
C LEU B 252 -2.82 -6.68 -32.01
N GLN B 253 -3.78 -7.39 -31.40
CA GLN B 253 -5.16 -7.28 -31.85
C GLN B 253 -5.77 -5.93 -31.52
N LEU B 254 -5.32 -5.28 -30.43
CA LEU B 254 -5.82 -3.94 -30.13
C LEU B 254 -5.40 -2.95 -31.19
N MET B 255 -4.20 -3.11 -31.74
CA MET B 255 -3.70 -2.20 -32.77
C MET B 255 -4.26 -2.50 -34.14
N ILE B 256 -4.77 -3.70 -34.38
CA ILE B 256 -5.35 -4.03 -35.68
C ILE B 256 -6.80 -3.57 -35.74
N ASP B 257 -7.56 -3.77 -34.66
CA ASP B 257 -8.98 -3.41 -34.66
C ASP B 257 -9.18 -1.90 -34.79
N SER B 258 -8.32 -1.11 -34.13
CA SER B 258 -8.39 0.33 -34.30
C SER B 258 -7.85 0.75 -35.66
N GLN B 259 -6.95 -0.05 -36.24
CA GLN B 259 -6.44 0.25 -37.58
C GLN B 259 -7.52 0.03 -38.64
N ASN B 260 -8.47 -0.85 -38.38
CA ASN B 260 -9.58 -1.12 -39.29
C ASN B 260 -10.84 -0.36 -38.88
N SER B 261 -10.70 0.92 -38.62
CA SER B 261 -11.83 1.75 -38.21
C SER B 261 -11.75 3.15 -38.80
N LYS B 268 -6.82 8.20 -35.99
CA LYS B 268 -6.22 9.20 -36.87
C LYS B 268 -5.69 8.76 -38.25
N ALA B 269 -5.16 7.53 -38.45
CA ALA B 269 -5.06 6.45 -37.48
C ALA B 269 -3.77 5.65 -37.66
N LEU B 270 -3.62 4.60 -36.87
CA LEU B 270 -2.38 3.83 -36.84
C LEU B 270 -2.06 3.24 -38.21
N SER B 271 -0.79 3.32 -38.59
CA SER B 271 -0.30 2.80 -39.85
C SER B 271 0.58 1.57 -39.62
N ASP B 272 0.90 0.88 -40.72
CA ASP B 272 1.76 -0.30 -40.64
C ASP B 272 3.18 0.03 -40.19
N LEU B 273 3.55 1.31 -40.15
CA LEU B 273 4.86 1.71 -39.66
C LEU B 273 4.82 2.04 -38.16
N GLU B 274 3.80 2.77 -37.73
CA GLU B 274 3.63 3.03 -36.31
C GLU B 274 3.29 1.75 -35.54
N LEU B 275 2.57 0.82 -36.19
CA LEU B 275 2.28 -0.45 -35.55
C LEU B 275 3.55 -1.25 -35.29
N VAL B 276 4.53 -1.15 -36.19
CA VAL B 276 5.81 -1.82 -35.99
C VAL B 276 6.61 -1.10 -34.90
N ALA B 277 6.50 0.22 -34.82
CA ALA B 277 7.27 0.99 -33.84
C ALA B 277 6.89 0.59 -32.41
N GLN B 278 5.61 0.32 -32.17
CA GLN B 278 5.19 -0.08 -30.83
C GLN B 278 5.64 -1.49 -30.50
N SER B 279 5.70 -2.37 -31.50
CA SER B 279 6.11 -3.75 -31.25
C SER B 279 7.58 -3.83 -30.81
N ILE B 280 8.42 -2.96 -31.36
CA ILE B 280 9.83 -2.97 -30.97
C ILE B 280 10.00 -2.54 -29.52
N ILE B 281 9.18 -1.59 -29.07
CA ILE B 281 9.27 -1.13 -27.68
C ILE B 281 8.83 -2.22 -26.72
N PHE B 282 7.72 -2.89 -27.03
CA PHE B 282 7.21 -3.93 -26.15
C PHE B 282 8.11 -5.16 -26.13
N ILE B 283 8.69 -5.50 -27.28
CA ILE B 283 9.58 -6.66 -27.34
C ILE B 283 10.87 -6.38 -26.58
N PHE B 284 11.46 -5.20 -26.77
CA PHE B 284 12.68 -4.85 -26.05
C PHE B 284 12.42 -4.75 -24.55
N ALA B 285 11.32 -4.12 -24.16
CA ALA B 285 11.03 -3.96 -22.74
C ALA B 285 10.71 -5.31 -22.08
N GLY B 286 10.01 -6.18 -22.80
CA GLY B 286 9.67 -7.47 -22.23
C GLY B 286 10.86 -8.41 -22.12
N TYR B 287 11.86 -8.23 -22.99
CA TYR B 287 13.04 -9.10 -23.00
C TYR B 287 14.15 -8.57 -22.10
N GLU B 288 14.56 -7.32 -22.29
CA GLU B 288 15.74 -6.81 -21.62
C GLU B 288 15.46 -6.42 -20.17
N THR B 289 14.34 -5.74 -19.93
CA THR B 289 14.07 -5.26 -18.57
C THR B 289 13.71 -6.41 -17.64
N THR B 290 12.98 -7.41 -18.13
CA THR B 290 12.56 -8.51 -17.27
C THR B 290 13.75 -9.38 -16.87
N SER B 291 14.61 -9.71 -17.82
CA SER B 291 15.74 -10.60 -17.52
C SER B 291 16.77 -9.91 -16.64
N SER B 292 16.99 -8.61 -16.85
CA SER B 292 18.01 -7.90 -16.07
C SER B 292 17.61 -7.80 -14.60
N VAL B 293 16.33 -7.52 -14.33
CA VAL B 293 15.89 -7.45 -12.94
C VAL B 293 15.88 -8.83 -12.31
N LEU B 294 15.48 -9.86 -13.07
CA LEU B 294 15.52 -11.22 -12.55
C LEU B 294 16.96 -11.64 -12.21
N SER B 295 17.92 -11.22 -13.03
CA SER B 295 19.31 -11.52 -12.72
C SER B 295 19.77 -10.78 -11.47
N PHE B 296 19.30 -9.54 -11.29
CA PHE B 296 19.63 -8.80 -10.08
C PHE B 296 18.97 -9.40 -8.85
N ILE B 297 17.80 -10.00 -9.00
CA ILE B 297 17.11 -10.61 -7.86
C ILE B 297 17.85 -11.86 -7.40
N MET B 298 18.27 -12.70 -8.34
CA MET B 298 18.94 -13.94 -7.96
C MET B 298 20.31 -13.68 -7.37
N TYR B 299 20.98 -12.60 -7.75
CA TYR B 299 22.25 -12.25 -7.13
C TYR B 299 22.05 -11.90 -5.66
N GLU B 300 21.03 -11.10 -5.35
CA GLU B 300 20.75 -10.75 -3.97
C GLU B 300 20.31 -11.96 -3.16
N LEU B 301 19.58 -12.90 -3.79
CA LEU B 301 19.19 -14.11 -3.09
C LEU B 301 20.36 -15.04 -2.84
N ALA B 302 21.33 -15.06 -3.75
CA ALA B 302 22.52 -15.89 -3.53
C ALA B 302 23.44 -15.27 -2.49
N THR B 303 23.60 -13.95 -2.52
CA THR B 303 24.47 -13.30 -1.54
C THR B 303 23.80 -13.19 -0.17
N HIS B 304 22.48 -13.39 -0.10
CA HIS B 304 21.74 -13.41 1.15
C HIS B 304 20.94 -14.70 1.21
N PRO B 305 21.57 -15.80 1.64
CA PRO B 305 20.83 -17.07 1.72
C PRO B 305 19.66 -17.04 2.69
N ASP B 306 19.72 -16.19 3.72
CA ASP B 306 18.61 -16.09 4.66
C ASP B 306 17.39 -15.47 4.00
N VAL B 307 17.58 -14.57 3.04
CA VAL B 307 16.45 -14.01 2.30
C VAL B 307 15.91 -15.02 1.30
N GLN B 308 16.80 -15.77 0.64
CA GLN B 308 16.35 -16.77 -0.32
C GLN B 308 15.62 -17.91 0.37
N GLN B 309 16.14 -18.37 1.52
CA GLN B 309 15.48 -19.45 2.25
C GLN B 309 14.12 -19.01 2.76
N LYS B 310 14.04 -17.81 3.33
CA LYS B 310 12.76 -17.31 3.82
C LYS B 310 11.77 -17.10 2.69
N LEU B 311 12.26 -16.71 1.51
CA LEU B 311 11.37 -16.56 0.36
C LEU B 311 10.88 -17.91 -0.15
N GLN B 312 11.75 -18.93 -0.10
CA GLN B 312 11.33 -20.26 -0.52
C GLN B 312 10.29 -20.85 0.42
N GLU B 313 10.37 -20.54 1.72
CA GLU B 313 9.40 -21.07 2.67
C GLU B 313 8.01 -20.46 2.46
N GLU B 314 7.94 -19.21 2.01
CA GLU B 314 6.66 -18.59 1.73
C GLU B 314 6.03 -19.13 0.45
N ILE B 315 6.85 -19.39 -0.57
CA ILE B 315 6.34 -19.93 -1.82
C ILE B 315 5.78 -21.33 -1.62
N ASP B 316 6.45 -22.14 -0.80
CA ASP B 316 5.98 -23.49 -0.53
C ASP B 316 4.70 -23.48 0.32
N ALA B 317 4.52 -22.46 1.15
CA ALA B 317 3.34 -22.39 2.00
C ALA B 317 2.09 -22.04 1.20
N VAL B 318 2.17 -20.96 0.40
CA VAL B 318 1.02 -20.57 -0.41
C VAL B 318 0.76 -21.59 -1.50
N LEU B 319 1.80 -22.20 -2.06
CA LEU B 319 1.69 -23.19 -3.12
C LEU B 319 2.28 -24.50 -2.65
N PRO B 320 1.50 -25.33 -1.95
CA PRO B 320 2.03 -26.61 -1.47
C PRO B 320 2.17 -27.62 -2.61
N ASN B 321 3.13 -28.53 -2.44
CA ASN B 321 3.41 -29.59 -3.41
C ASN B 321 3.77 -29.01 -4.77
N LYS B 322 4.49 -27.88 -4.75
CA LYS B 322 4.86 -27.16 -5.98
C LYS B 322 3.64 -26.86 -6.83
N ALA B 323 2.59 -26.36 -6.19
CA ALA B 323 1.34 -26.09 -6.89
C ALA B 323 1.56 -24.99 -7.94
N PRO B 324 0.88 -25.04 -9.07
CA PRO B 324 1.08 -24.02 -10.11
C PRO B 324 0.65 -22.65 -9.60
N PRO B 325 1.48 -21.63 -9.79
CA PRO B 325 1.10 -20.27 -9.33
C PRO B 325 0.02 -19.68 -10.22
N THR B 326 -1.01 -19.14 -9.59
CA THR B 326 -2.10 -18.47 -10.27
C THR B 326 -2.02 -16.96 -10.03
N TYR B 327 -3.00 -16.23 -10.60
CA TYR B 327 -2.98 -14.77 -10.51
C TYR B 327 -3.15 -14.31 -9.07
N ASP B 328 -4.06 -14.94 -8.32
CA ASP B 328 -4.34 -14.48 -6.96
C ASP B 328 -3.25 -14.90 -5.98
N THR B 329 -2.69 -16.09 -6.15
CA THR B 329 -1.64 -16.56 -5.24
C THR B 329 -0.38 -15.72 -5.33
N VAL B 330 -0.14 -15.04 -6.45
CA VAL B 330 1.04 -14.19 -6.58
C VAL B 330 0.89 -12.94 -5.73
N LEU B 331 -0.25 -12.25 -5.85
CA LEU B 331 -0.49 -11.05 -5.06
C LEU B 331 -0.59 -11.35 -3.57
N GLN B 332 -0.79 -12.61 -3.20
CA GLN B 332 -0.88 -12.98 -1.79
C GLN B 332 0.49 -13.01 -1.12
N MET B 333 1.53 -13.38 -1.85
CA MET B 333 2.87 -13.49 -1.29
C MET B 333 3.42 -12.10 -0.99
N GLU B 334 3.56 -11.78 0.30
CA GLU B 334 4.05 -10.46 0.70
C GLU B 334 5.57 -10.37 0.63
N TYR B 335 6.27 -11.42 1.08
CA TYR B 335 7.73 -11.38 1.08
C TYR B 335 8.29 -11.37 -0.35
N LEU B 336 7.62 -12.05 -1.28
CA LEU B 336 8.04 -12.00 -2.67
C LEU B 336 7.93 -10.59 -3.23
N ASP B 337 6.87 -9.87 -2.86
CA ASP B 337 6.75 -8.48 -3.26
C ASP B 337 7.80 -7.61 -2.58
N MET B 338 8.21 -7.98 -1.36
CA MET B 338 9.24 -7.21 -0.66
C MET B 338 10.62 -7.47 -1.25
N VAL B 339 10.86 -8.67 -1.77
CA VAL B 339 12.16 -8.96 -2.40
C VAL B 339 12.28 -8.21 -3.71
N VAL B 340 11.21 -8.20 -4.52
CA VAL B 340 11.26 -7.50 -5.81
C VAL B 340 11.39 -6.00 -5.59
N ASN B 341 10.70 -5.45 -4.59
CA ASN B 341 10.75 -4.01 -4.36
C ASN B 341 12.14 -3.57 -3.90
N GLU B 342 12.79 -4.36 -3.03
CA GLU B 342 14.12 -3.99 -2.56
C GLU B 342 15.16 -4.10 -3.67
N THR B 343 14.98 -5.07 -4.59
CA THR B 343 15.90 -5.17 -5.71
C THR B 343 15.72 -4.00 -6.67
N LEU B 344 14.47 -3.64 -6.98
CA LEU B 344 14.22 -2.47 -7.82
C LEU B 344 14.63 -1.18 -7.15
N ARG B 345 14.76 -1.18 -5.82
CA ARG B 345 15.31 -0.01 -5.13
C ARG B 345 16.82 0.07 -5.35
N LEU B 346 17.53 -1.05 -5.18
CA LEU B 346 18.97 -1.06 -5.37
C LEU B 346 19.35 -0.89 -6.83
N PHE B 347 18.58 -1.49 -7.74
CA PHE B 347 18.87 -1.48 -9.17
C PHE B 347 17.68 -0.94 -9.95
N PRO B 348 17.44 0.39 -9.90
CA PRO B 348 16.42 0.98 -10.79
C PRO B 348 16.96 1.12 -12.20
N ILE B 349 16.51 0.24 -13.10
CA ILE B 349 17.08 0.15 -14.44
C ILE B 349 16.91 1.44 -15.23
N ALA B 350 15.93 2.26 -14.87
CA ALA B 350 15.74 3.53 -15.58
C ALA B 350 16.75 4.58 -15.13
N MET B 351 17.32 4.44 -13.93
CA MET B 351 18.33 5.35 -13.42
C MET B 351 17.76 6.73 -13.12
N ARG B 352 17.20 7.40 -14.13
CA ARG B 352 16.70 8.75 -13.99
C ARG B 352 15.28 8.84 -14.53
N LEU B 353 14.56 9.86 -14.07
CA LEU B 353 13.28 10.27 -14.62
C LEU B 353 13.43 11.68 -15.16
N GLU B 354 12.95 11.91 -16.38
CA GLU B 354 13.16 13.18 -17.06
C GLU B 354 11.87 13.69 -17.69
N ARG B 355 11.68 15.01 -17.58
CA ARG B 355 10.59 15.72 -18.24
C ARG B 355 11.14 17.03 -18.80
N VAL B 356 10.56 17.46 -19.92
CA VAL B 356 10.96 18.71 -20.56
C VAL B 356 9.94 19.78 -20.20
N CYS B 357 10.40 20.85 -19.55
CA CYS B 357 9.55 21.97 -19.20
C CYS B 357 9.15 22.70 -20.48
N LYS B 358 7.89 22.55 -20.90
CA LYS B 358 7.45 23.07 -22.18
C LYS B 358 7.17 24.57 -22.15
N LYS B 359 7.01 25.16 -20.97
CA LYS B 359 6.76 26.59 -20.87
C LYS B 359 7.13 27.06 -19.47
N ASP B 360 7.43 28.36 -19.36
CA ASP B 360 7.91 28.93 -18.11
C ASP B 360 6.92 28.68 -16.98
N VAL B 361 7.41 28.12 -15.88
CA VAL B 361 6.60 27.82 -14.71
C VAL B 361 7.37 28.22 -13.46
N GLU B 362 6.67 28.13 -12.32
CA GLU B 362 7.21 28.51 -11.01
C GLU B 362 6.65 27.52 -9.98
N ILE B 363 7.10 26.27 -10.08
CA ILE B 363 6.57 25.21 -9.22
C ILE B 363 7.26 25.26 -7.86
N ASN B 364 6.45 25.19 -6.80
CA ASN B 364 6.95 25.15 -5.42
C ASN B 364 7.89 26.32 -5.13
N GLY B 365 7.59 27.48 -5.72
CA GLY B 365 8.39 28.67 -5.50
C GLY B 365 9.78 28.61 -6.12
N MET B 366 9.89 28.05 -7.33
CA MET B 366 11.18 27.98 -8.01
C MET B 366 10.91 28.11 -9.51
N PHE B 367 11.40 29.20 -10.11
CA PHE B 367 11.17 29.44 -11.53
C PHE B 367 11.96 28.46 -12.38
N ILE B 368 11.29 27.81 -13.32
CA ILE B 368 11.92 26.89 -14.25
C ILE B 368 11.64 27.37 -15.67
N PRO B 369 12.65 27.82 -16.42
CA PRO B 369 12.40 28.34 -17.76
C PRO B 369 12.00 27.23 -18.73
N LYS B 370 11.44 27.67 -19.87
CA LYS B 370 11.09 26.73 -20.93
C LYS B 370 12.34 26.13 -21.54
N GLY B 371 12.29 24.82 -21.81
CA GLY B 371 13.38 24.11 -22.41
C GLY B 371 14.27 23.37 -21.43
N VAL B 372 14.18 23.67 -20.14
CA VAL B 372 14.98 22.99 -19.14
C VAL B 372 14.45 21.57 -18.94
N VAL B 373 15.37 20.61 -18.86
CA VAL B 373 15.01 19.22 -18.63
C VAL B 373 15.03 18.98 -17.13
N VAL B 374 13.85 18.82 -16.54
CA VAL B 374 13.73 18.52 -15.11
C VAL B 374 13.98 17.03 -14.91
N MET B 375 14.99 16.71 -14.10
CA MET B 375 15.42 15.33 -13.90
C MET B 375 15.25 14.94 -12.44
N ILE B 376 14.81 13.70 -12.22
CA ILE B 376 14.65 13.13 -10.89
C ILE B 376 15.68 12.02 -10.74
N PRO B 377 16.72 12.21 -9.91
CA PRO B 377 17.75 11.17 -9.77
C PRO B 377 17.24 9.96 -9.00
N SER B 378 16.58 9.03 -9.69
CA SER B 378 15.96 7.90 -9.02
C SER B 378 17.00 7.03 -8.32
N TYR B 379 18.12 6.74 -8.99
CA TYR B 379 19.16 5.93 -8.37
C TYR B 379 19.73 6.62 -7.13
N ALA B 380 19.96 7.94 -7.23
CA ALA B 380 20.51 8.67 -6.09
C ALA B 380 19.49 8.82 -4.96
N LEU B 381 18.20 8.87 -5.30
CA LEU B 381 17.16 8.97 -4.28
C LEU B 381 16.87 7.63 -3.61
N HIS B 382 17.02 6.53 -4.35
CA HIS B 382 16.83 5.21 -3.76
C HIS B 382 17.93 4.85 -2.77
N ARG B 383 19.03 5.61 -2.74
CA ARG B 383 20.13 5.35 -1.83
C ARG B 383 20.47 6.57 -0.97
N ASP B 384 19.53 7.49 -0.81
CA ASP B 384 19.75 8.68 0.00
C ASP B 384 19.84 8.29 1.47
N PRO B 385 20.95 8.60 2.15
CA PRO B 385 21.02 8.28 3.59
C PRO B 385 19.99 9.03 4.42
N LYS B 386 19.55 10.21 3.99
CA LYS B 386 18.53 10.97 4.70
C LYS B 386 17.13 10.37 4.56
N TYR B 387 17.02 9.18 3.97
CA TYR B 387 15.75 8.46 3.87
C TYR B 387 15.93 7.00 4.29
N TRP B 388 16.77 6.27 3.55
CA TRP B 388 16.94 4.84 3.76
C TRP B 388 18.06 4.62 4.77
N THR B 389 17.76 3.88 5.84
CA THR B 389 18.77 3.50 6.81
C THR B 389 19.66 2.41 6.22
N GLU B 390 20.97 2.68 6.13
CA GLU B 390 21.93 1.79 5.51
C GLU B 390 21.49 1.49 4.08
N PRO B 391 21.61 2.45 3.17
CA PRO B 391 21.00 2.27 1.84
C PRO B 391 21.70 1.24 0.97
N GLU B 392 23.01 1.08 1.09
CA GLU B 392 23.72 0.09 0.30
C GLU B 392 23.37 -1.34 0.70
N LYS B 393 22.72 -1.53 1.83
CA LYS B 393 22.42 -2.87 2.32
C LYS B 393 21.13 -3.40 1.69
N PHE B 394 21.12 -4.72 1.46
CA PHE B 394 19.95 -5.41 0.92
C PHE B 394 19.10 -5.89 2.10
N LEU B 395 18.04 -5.14 2.39
CA LEU B 395 17.14 -5.45 3.50
C LEU B 395 15.70 -5.45 3.00
N PRO B 396 15.14 -6.62 2.68
CA PRO B 396 13.74 -6.66 2.21
C PRO B 396 12.73 -6.19 3.25
N GLU B 397 13.12 -6.04 4.51
CA GLU B 397 12.20 -5.57 5.55
C GLU B 397 11.87 -4.09 5.42
N ARG B 398 12.49 -3.36 4.49
CA ARG B 398 12.09 -1.97 4.28
C ARG B 398 10.68 -1.87 3.74
N PHE B 399 10.21 -2.90 3.03
CA PHE B 399 8.90 -2.87 2.38
C PHE B 399 7.87 -3.74 3.07
N SER B 400 8.14 -4.17 4.30
CA SER B 400 7.10 -4.86 5.06
C SER B 400 5.98 -3.89 5.40
N ALA B 401 4.77 -4.43 5.55
CA ALA B 401 3.61 -3.60 5.84
C ALA B 401 3.77 -2.82 7.14
N LYS B 402 4.61 -3.29 8.06
CA LYS B 402 4.93 -2.52 9.25
C LYS B 402 5.76 -1.28 8.91
N ASN B 403 6.63 -1.38 7.91
CA ASN B 403 7.55 -0.30 7.57
C ASN B 403 7.32 0.34 6.21
N ALA B 404 6.47 -0.25 5.36
CA ALA B 404 6.22 0.36 4.05
C ALA B 404 5.42 1.65 4.15
N ASP B 405 5.03 2.06 5.36
CA ASP B 405 4.37 3.35 5.56
C ASP B 405 5.35 4.51 5.59
N ASN B 406 6.66 4.23 5.72
CA ASN B 406 7.67 5.26 5.86
C ASN B 406 8.43 5.51 4.57
N ILE B 407 7.92 5.03 3.43
CA ILE B 407 8.54 5.25 2.13
C ILE B 407 7.67 6.22 1.35
N ASP B 408 8.30 7.19 0.70
CA ASP B 408 7.56 8.19 -0.07
C ASP B 408 7.37 7.68 -1.50
N PRO B 409 6.13 7.68 -2.01
CA PRO B 409 5.91 7.20 -3.39
C PRO B 409 6.58 8.07 -4.44
N TYR B 410 7.12 9.23 -4.08
CA TYR B 410 7.85 10.08 -5.00
C TYR B 410 9.36 10.07 -4.74
N ILE B 411 9.81 9.30 -3.75
CA ILE B 411 11.23 9.04 -3.54
C ILE B 411 11.61 7.67 -4.09
N TYR B 412 10.77 6.65 -3.83
CA TYR B 412 10.94 5.32 -4.38
C TYR B 412 10.08 5.23 -5.64
N THR B 413 10.68 5.49 -6.79
CA THR B 413 9.98 5.51 -8.07
C THR B 413 10.69 4.61 -9.07
N PRO B 414 10.60 3.30 -8.90
CA PRO B 414 11.25 2.39 -9.86
C PRO B 414 10.50 2.29 -11.18
N PHE B 415 9.23 2.69 -11.22
CA PHE B 415 8.44 2.68 -12.45
C PHE B 415 7.98 4.07 -12.85
N GLY B 416 8.62 5.11 -12.30
CA GLY B 416 8.14 6.46 -12.54
C GLY B 416 6.86 6.72 -11.77
N SER B 417 6.16 7.78 -12.21
CA SER B 417 4.90 8.15 -11.57
C SER B 417 4.14 9.08 -12.50
N GLY B 418 2.85 9.24 -12.23
CA GLY B 418 2.01 10.14 -12.98
C GLY B 418 1.40 9.50 -14.20
N PRO B 419 0.80 10.32 -15.07
CA PRO B 419 0.16 9.77 -16.27
C PRO B 419 1.12 9.13 -17.25
N ARG B 420 2.42 9.42 -17.16
CA ARG B 420 3.40 8.85 -18.07
C ARG B 420 4.40 7.98 -17.33
N ASN B 421 3.89 7.13 -16.43
CA ASN B 421 4.72 6.15 -15.75
C ASN B 421 4.89 4.93 -16.66
N CYS B 422 5.45 3.85 -16.12
CA CYS B 422 5.61 2.63 -16.89
C CYS B 422 4.25 2.01 -17.17
N ILE B 423 3.90 1.89 -18.46
CA ILE B 423 2.60 1.35 -18.82
C ILE B 423 2.54 -0.16 -18.59
N GLY B 424 3.69 -0.81 -18.44
CA GLY B 424 3.72 -2.25 -18.21
C GLY B 424 4.23 -2.62 -16.85
N MET B 425 4.03 -1.72 -15.87
CA MET B 425 4.46 -2.00 -14.51
C MET B 425 3.74 -3.21 -13.93
N ARG B 426 2.44 -3.33 -14.20
CA ARG B 426 1.68 -4.46 -13.66
C ARG B 426 2.04 -5.75 -14.36
N PHE B 427 2.35 -5.69 -15.66
CA PHE B 427 2.76 -6.89 -16.39
C PHE B 427 4.16 -7.33 -15.96
N ALA B 428 5.07 -6.39 -15.77
CA ALA B 428 6.43 -6.73 -15.39
C ALA B 428 6.48 -7.35 -14.00
N LEU B 429 5.71 -6.79 -13.05
CA LEU B 429 5.72 -7.32 -11.69
C LEU B 429 5.13 -8.72 -11.64
N MET B 430 4.09 -8.99 -12.44
CA MET B 430 3.49 -10.31 -12.42
C MET B 430 4.37 -11.34 -13.11
N ASN B 431 5.01 -10.96 -14.23
CA ASN B 431 5.81 -11.91 -14.99
C ASN B 431 7.06 -12.31 -14.22
N MET B 432 7.70 -11.36 -13.53
CA MET B 432 8.91 -11.69 -12.79
C MET B 432 8.60 -12.54 -11.56
N LYS B 433 7.48 -12.26 -10.89
CA LYS B 433 7.10 -13.07 -9.73
C LYS B 433 6.71 -14.49 -10.14
N LEU B 434 6.07 -14.64 -11.31
CA LEU B 434 5.77 -15.98 -11.81
C LEU B 434 7.04 -16.75 -12.13
N ALA B 435 8.10 -16.04 -12.55
CA ALA B 435 9.37 -16.70 -12.81
C ALA B 435 10.11 -17.02 -11.52
N LEU B 436 10.06 -16.11 -10.54
CA LEU B 436 10.72 -16.36 -9.26
C LEU B 436 10.06 -17.50 -8.50
N ILE B 437 8.74 -17.65 -8.63
CA ILE B 437 8.04 -18.73 -7.95
C ILE B 437 8.43 -20.08 -8.55
N ARG B 438 8.34 -20.20 -9.87
CA ARG B 438 8.60 -21.48 -10.53
C ARG B 438 10.04 -21.94 -10.33
N VAL B 439 10.96 -20.99 -10.16
CA VAL B 439 12.37 -21.36 -10.00
C VAL B 439 12.69 -21.70 -8.55
N LEU B 440 12.28 -20.84 -7.61
CA LEU B 440 12.59 -21.06 -6.20
C LEU B 440 11.84 -22.25 -5.61
N GLN B 441 10.87 -22.82 -6.33
CA GLN B 441 10.25 -24.06 -5.89
C GLN B 441 11.17 -25.26 -6.10
N ASN B 442 12.14 -25.17 -7.02
CA ASN B 442 12.93 -26.32 -7.44
C ASN B 442 14.43 -26.15 -7.26
N PHE B 443 14.95 -24.93 -7.10
CA PHE B 443 16.38 -24.72 -7.08
C PHE B 443 16.76 -23.69 -6.01
N SER B 444 17.97 -23.85 -5.49
CA SER B 444 18.61 -22.85 -4.63
C SER B 444 19.88 -22.37 -5.30
N PHE B 445 20.22 -21.11 -5.10
CA PHE B 445 21.31 -20.45 -5.81
C PHE B 445 22.41 -20.08 -4.84
N LYS B 446 23.64 -20.47 -5.18
CA LYS B 446 24.82 -20.20 -4.38
C LYS B 446 25.86 -19.49 -5.24
N PRO B 447 26.77 -18.73 -4.61
CA PRO B 447 27.85 -18.10 -5.37
C PRO B 447 28.80 -19.13 -5.97
N CYS B 448 29.56 -18.70 -6.97
CA CYS B 448 30.62 -19.47 -7.56
C CYS B 448 31.95 -18.77 -7.32
N LYS B 449 33.02 -19.35 -7.87
CA LYS B 449 34.32 -18.70 -7.77
C LYS B 449 34.37 -17.46 -8.64
N GLU B 450 33.81 -17.54 -9.85
CA GLU B 450 33.82 -16.42 -10.78
C GLU B 450 32.68 -15.43 -10.54
N THR B 451 31.83 -15.67 -9.55
CA THR B 451 30.75 -14.75 -9.23
C THR B 451 31.33 -13.46 -8.68
N GLN B 452 31.01 -12.34 -9.32
CA GLN B 452 31.55 -11.04 -8.95
C GLN B 452 30.85 -10.56 -7.68
N ILE B 453 31.52 -10.71 -6.54
CA ILE B 453 31.00 -10.27 -5.26
C ILE B 453 32.02 -9.31 -4.65
N PRO B 454 31.66 -8.03 -4.42
CA PRO B 454 30.34 -7.45 -4.70
C PRO B 454 30.11 -7.17 -6.18
N LEU B 455 28.85 -7.09 -6.57
CA LEU B 455 28.52 -6.85 -7.97
C LEU B 455 28.88 -5.44 -8.38
N LYS B 456 29.67 -5.31 -9.45
CA LYS B 456 30.08 -4.02 -9.97
C LYS B 456 29.12 -3.61 -11.08
N LEU B 457 28.48 -2.45 -10.91
CA LEU B 457 27.63 -1.91 -11.95
C LEU B 457 28.47 -1.38 -13.10
N SER B 458 27.89 -1.44 -14.31
CA SER B 458 28.58 -0.92 -15.48
C SER B 458 28.71 0.59 -15.37
N LEU B 459 29.95 1.08 -15.39
CA LEU B 459 30.20 2.52 -15.33
C LEU B 459 29.81 3.25 -16.62
N GLY B 460 29.28 2.53 -17.61
CA GLY B 460 28.85 3.16 -18.84
C GLY B 460 27.51 3.86 -18.72
N GLY B 461 26.66 3.71 -19.74
CA GLY B 461 25.40 4.41 -19.76
C GLY B 461 24.28 3.72 -19.01
N LEU B 462 23.92 2.51 -19.42
CA LEU B 462 22.79 1.80 -18.86
C LEU B 462 23.20 1.05 -17.59
N LEU B 463 22.19 0.63 -16.83
CA LEU B 463 22.39 -0.07 -15.56
C LEU B 463 22.52 -1.56 -15.84
N GLN B 464 23.73 -2.07 -15.72
CA GLN B 464 24.02 -3.49 -15.94
C GLN B 464 25.26 -3.86 -15.14
N PRO B 465 25.46 -5.14 -14.85
CA PRO B 465 26.72 -5.56 -14.23
C PRO B 465 27.86 -5.52 -15.23
N GLU B 466 29.07 -5.26 -14.72
CA GLU B 466 30.26 -5.31 -15.56
C GLU B 466 30.45 -6.72 -16.12
N LYS B 467 30.73 -7.68 -15.26
CA LYS B 467 30.78 -9.07 -15.64
C LYS B 467 29.40 -9.70 -15.53
N PRO B 468 29.07 -10.65 -16.39
CA PRO B 468 27.75 -11.29 -16.33
C PRO B 468 27.54 -12.01 -15.01
N VAL B 469 26.28 -12.09 -14.60
CA VAL B 469 25.93 -12.74 -13.33
C VAL B 469 25.95 -14.24 -13.52
N VAL B 470 26.85 -14.91 -12.83
CA VAL B 470 26.99 -16.36 -12.86
C VAL B 470 26.73 -16.89 -11.45
N LEU B 471 25.93 -17.95 -11.36
CA LEU B 471 25.56 -18.52 -10.08
C LEU B 471 25.46 -20.04 -10.19
N LYS B 472 25.80 -20.73 -9.11
CA LYS B 472 25.66 -22.17 -9.04
C LYS B 472 24.20 -22.52 -8.75
N VAL B 473 23.67 -23.47 -9.51
CA VAL B 473 22.26 -23.88 -9.40
C VAL B 473 22.23 -25.27 -8.80
N GLU B 474 21.71 -25.38 -7.58
CA GLU B 474 21.55 -26.66 -6.89
C GLU B 474 20.08 -27.02 -6.83
N SER B 475 19.75 -28.23 -7.24
CA SER B 475 18.37 -28.68 -7.25
C SER B 475 17.91 -29.06 -5.84
N ARG B 476 16.60 -29.04 -5.65
CA ARG B 476 16.00 -29.36 -4.35
C ARG B 476 15.36 -30.74 -4.37
CHA HEM C . -11.34 -3.29 11.34
CHB HEM C . -9.53 -1.04 15.24
CHC HEM C . -10.64 3.24 13.26
CHD HEM C . -12.22 1.01 9.26
C1A HEM C . -10.76 -3.07 12.57
C2A HEM C . -10.28 -4.08 13.50
C3A HEM C . -9.78 -3.45 14.56
C4A HEM C . -9.92 -2.03 14.36
CMA HEM C . -9.16 -4.13 15.80
CAA HEM C . -10.33 -5.60 13.27
CBA HEM C . -8.97 -6.11 12.80
CGA HEM C . -8.99 -7.61 12.71
O1A HEM C . -7.89 -8.20 12.52
O2A HEM C . -10.09 -8.21 12.84
C1B HEM C . -9.65 0.32 15.04
C2B HEM C . -9.17 1.36 15.94
C3B HEM C . -9.48 2.55 15.39
C4B HEM C . -10.15 2.29 14.13
CMB HEM C . -8.44 1.06 17.27
CAB HEM C . -9.20 3.99 15.90
CBB HEM C . -8.51 4.29 17.00
C1C HEM C . -11.09 3.03 11.98
C2C HEM C . -11.35 4.04 10.99
C3C HEM C . -11.79 3.44 9.87
C4C HEM C . -11.83 2.01 10.12
CMC HEM C . -11.15 5.56 11.17
CAC HEM C . -12.16 4.21 8.58
CBC HEM C . -12.58 3.59 7.47
C1D HEM C . -12.15 -0.36 9.48
C2D HEM C . -12.61 -1.39 8.58
C3D HEM C . -12.37 -2.57 9.16
C4D HEM C . -11.75 -2.33 10.44
CMD HEM C . -13.26 -1.17 7.21
CAD HEM C . -12.69 -3.96 8.55
CBD HEM C . -11.42 -4.45 7.86
CGD HEM C . -11.74 -5.57 6.90
O1D HEM C . -10.98 -5.74 5.91
O2D HEM C . -12.75 -6.28 7.11
NA HEM C . -10.53 -1.83 13.13
NB HEM C . -10.24 0.92 13.96
NC HEM C . -11.40 1.80 11.42
ND HEM C . -11.63 -0.97 10.60
FE HEM C . -10.94 -0.02 12.27
C1 GOL D . 0.24 9.21 -4.27
O1 GOL D . -0.84 10.02 -3.84
C2 GOL D . -0.25 7.78 -4.50
O2 GOL D . -1.64 7.71 -4.23
C3 GOL D . 0.50 6.82 -3.59
O3 GOL D . 0.37 7.24 -2.24
C1 GOL E . -3.30 4.36 37.44
O1 GOL E . -3.30 4.34 36.02
C2 GOL E . -2.31 5.39 37.93
O2 GOL E . -2.57 6.64 37.33
C3 GOL E . -0.89 4.94 37.58
O3 GOL E . -0.79 4.84 36.17
C02 NXR F . -19.23 -3.62 12.10
C04 NXR F . -17.00 -2.31 12.10
C05 NXR F . -17.32 -0.92 11.55
C06 NXR F . -16.69 0.26 12.29
C07 NXR F . -15.39 -0.01 13.06
C08 NXR F . -14.15 -0.03 12.39
C10 NXR F . -12.94 -0.48 14.29
C11 NXR F . -14.09 -0.48 15.07
C12 NXR F . -15.31 -0.26 14.44
C13 NXR F . -20.35 -4.33 12.83
C14 NXR F . -21.73 -3.72 12.52
C15 NXR F . -21.84 -2.19 12.57
C16 NXR F . -21.86 -1.46 13.77
C17 NXR F . -21.95 -0.07 13.79
C18 NXR F . -22.01 0.66 12.60
C19 NXR F . -21.98 -0.04 11.38
C20 NXR F . -21.89 -1.43 11.38
C22 NXR F . -18.73 -6.86 12.62
C23 NXR F . -18.36 -7.03 14.10
C24 NXR F . -16.86 -7.29 14.27
C25 NXR F . -15.91 -6.14 13.88
C26 NXR F . -15.59 -5.14 14.80
C27 NXR F . -14.74 -4.08 14.49
C28 NXR F . -14.16 -3.99 13.22
C29 NXR F . -14.46 -4.97 12.28
C30 NXR F . -15.32 -6.03 12.61
C32 NXR F . -19.55 -8.25 16.08
C34 NXR F . -20.40 -9.41 16.64
C35 NXR F . -20.70 -9.60 18.00
C36 NXR F . -21.47 -10.67 18.44
C37 NXR F . -21.94 -11.58 17.48
C39 NXR F . -20.92 -10.39 15.79
N03 NXR F . -18.10 -2.99 12.76
N09 NXR F . -12.96 -0.26 12.96
N31 NXR F . -19.16 -8.10 14.67
N38 NXR F . -21.66 -11.44 16.17
O01 NXR F . -19.24 -3.57 10.89
O33 NXR F . -19.17 -7.40 16.85
S21 NXR F . -20.34 -6.07 12.39
CHA HEM G . 8.33 3.64 -19.11
CHB HEM G . 10.53 1.16 -15.56
CHC HEM G . 9.25 -3.01 -17.70
CHD HEM G . 6.86 -0.54 -21.13
C1A HEM G . 9.02 3.33 -17.96
C2A HEM G . 9.54 4.29 -17.00
C3A HEM G . 10.15 3.61 -16.02
C4A HEM G . 10.04 2.19 -16.32
CMA HEM G . 10.85 4.22 -14.79
CAA HEM G . 9.42 5.82 -17.10
CBA HEM G . 8.34 6.33 -16.15
CGA HEM G . 8.34 7.84 -16.15
O1A HEM G . 7.63 8.44 -15.29
O2A HEM G . 9.03 8.45 -17.00
C1B HEM G . 10.37 -0.19 -15.81
C2B HEM G . 10.80 -1.28 -14.97
C3B HEM G . 10.46 -2.43 -15.56
C4B HEM G . 9.77 -2.10 -16.79
CMB HEM G . 11.56 -1.06 -13.63
CAB HEM G . 10.67 -3.91 -15.10
CBB HEM G . 11.25 -4.28 -13.96
C1C HEM G . 8.45 -2.72 -18.78
C2C HEM G . 7.75 -3.67 -19.61
C3C HEM G . 7.08 -3.01 -20.56
C4C HEM G . 7.34 -1.59 -20.37
CMC HEM G . 7.77 -5.20 -19.42
CAC HEM G . 6.22 -3.70 -21.64
CBC HEM G . 5.57 -3.03 -22.60
C1D HEM G . 7.08 0.81 -20.90
C2D HEM G . 6.63 1.90 -21.74
C3D HEM G . 7.03 3.05 -21.19
C4D HEM G . 7.75 2.72 -19.98
CMD HEM G . 5.82 1.74 -23.05
CAD HEM G . 6.78 4.47 -21.74
CBD HEM G . 5.34 4.88 -21.45
CGD HEM G . 5.15 6.33 -21.77
O1D HEM G . 3.97 6.78 -21.90
O2D HEM G . 6.17 7.06 -21.92
NA HEM G . 9.34 2.07 -17.51
NB HEM G . 9.73 -0.73 -16.92
NC HEM G . 8.17 -1.46 -19.28
ND HEM G . 7.76 1.36 -19.83
FE HEM G . 8.75 0.31 -18.39
C1 GOL H . 24.80 -5.47 3.38
O1 GOL H . 23.56 -5.83 2.82
C2 GOL H . 25.96 -6.14 2.63
O2 GOL H . 26.98 -5.21 2.39
C3 GOL H . 25.44 -6.69 1.30
O3 GOL H . 24.31 -7.48 1.59
C02 NXR I . 12.96 3.70 -25.34
C04 NXR I . 11.70 2.34 -23.53
C05 NXR I . 11.55 0.90 -24.03
C06 NXR I . 12.07 -0.19 -23.10
C07 NXR I . 11.96 0.09 -21.59
C08 NXR I . 10.70 0.23 -20.99
C10 NXR I . 11.56 0.59 -18.89
C11 NXR I . 12.87 0.48 -19.37
C12 NXR I . 13.05 0.22 -20.73
C13 NXR I . 14.26 4.34 -25.80
C14 NXR I . 14.67 3.96 -27.22
C15 NXR I . 15.10 2.51 -27.33
C16 NXR I . 16.23 2.04 -26.68
C17 NXR I . 16.61 0.70 -26.73
C18 NXR I . 15.84 -0.23 -27.42
C19 NXR I . 14.67 0.21 -28.06
C20 NXR I . 14.31 1.56 -28.00
C22 NXR I . 15.65 6.50 -24.38
C23 NXR I . 15.37 7.48 -23.25
C24 NXR I . 13.86 7.68 -23.00
C25 NXR I . 13.23 6.71 -21.98
C26 NXR I . 14.01 6.13 -20.96
C27 NXR I . 13.47 5.24 -20.02
C28 NXR I . 12.12 4.88 -20.08
C29 NXR I . 11.33 5.45 -21.08
C30 NXR I . 11.89 6.33 -22.01
C32 NXR I . 17.53 8.83 -23.08
C34 NXR I . 18.43 10.02 -23.43
C35 NXR I . 19.63 10.34 -22.78
C36 NXR I . 20.41 11.42 -23.18
C37 NXR I . 19.96 12.18 -24.27
C39 NXR I . 18.11 10.85 -24.50
N03 NXR I . 12.86 3.02 -24.06
N09 NXR I . 10.49 0.47 -19.68
N31 NXR I . 16.16 8.63 -23.56
N38 NXR I . 18.83 11.91 -24.91
O01 NXR I . 11.98 3.74 -26.04
O33 NXR I . 17.98 7.96 -22.34
S21 NXR I . 14.28 6.12 -25.48
#